data_2NWM
#
_entry.id   2NWM
#
_entity_poly.entity_id   1
_entity_poly.type   'polypeptide(L)'
_entity_poly.pdbx_seq_one_letter_code
;MKAARLKFDFQAQSPKELTLQKGDIVYIHKEVDKNWLEGEHHGRLGIFPANYVEVLPLEHHHHHH
;
_entity_poly.pdbx_strand_id   A
#
# COMPACT_ATOMS: atom_id res chain seq x y z
N MET A 1 -2.70 12.75 3.88
CA MET A 1 -3.85 11.85 4.14
C MET A 1 -3.38 10.46 4.60
N LYS A 2 -2.55 10.45 5.65
CA LYS A 2 -2.02 9.20 6.19
C LYS A 2 -1.20 8.46 5.15
N ALA A 3 0.12 8.48 5.33
CA ALA A 3 1.02 7.81 4.41
C ALA A 3 1.70 6.61 5.07
N ALA A 4 2.06 5.62 4.26
CA ALA A 4 2.72 4.42 4.77
C ALA A 4 3.83 3.96 3.84
N ARG A 5 4.99 3.64 4.41
CA ARG A 5 6.13 3.17 3.64
C ARG A 5 6.29 1.67 3.74
N LEU A 6 6.37 1.00 2.60
CA LEU A 6 6.52 -0.46 2.56
C LEU A 6 7.81 -0.89 3.25
N LYS A 7 7.73 -1.99 3.99
CA LYS A 7 8.89 -2.52 4.70
C LYS A 7 9.10 -4.00 4.39
N PHE A 8 8.40 -4.50 3.38
CA PHE A 8 8.53 -5.90 2.98
C PHE A 8 8.16 -6.08 1.51
N ASP A 9 9.06 -6.72 0.76
CA ASP A 9 8.84 -6.97 -0.66
C ASP A 9 7.56 -7.77 -0.88
N PHE A 10 6.58 -7.16 -1.55
CA PHE A 10 5.31 -7.82 -1.83
C PHE A 10 5.07 -7.93 -3.33
N GLN A 11 4.51 -9.06 -3.74
CA GLN A 11 4.23 -9.30 -5.15
C GLN A 11 2.72 -9.41 -5.39
N ALA A 12 2.22 -8.61 -6.32
CA ALA A 12 0.79 -8.61 -6.64
C ALA A 12 0.37 -9.95 -7.22
N GLN A 13 -0.72 -10.51 -6.70
CA GLN A 13 -1.23 -11.78 -7.18
C GLN A 13 -2.43 -11.58 -8.10
N SER A 14 -3.23 -10.57 -7.82
CA SER A 14 -4.41 -10.27 -8.63
C SER A 14 -4.17 -9.05 -9.50
N PRO A 15 -4.87 -8.97 -10.64
CA PRO A 15 -4.73 -7.84 -11.59
C PRO A 15 -4.99 -6.50 -10.91
N LYS A 16 -5.80 -6.51 -9.86
CA LYS A 16 -6.13 -5.30 -9.12
C LYS A 16 -5.01 -4.93 -8.15
N GLU A 17 -4.29 -5.94 -7.67
CA GLU A 17 -3.20 -5.72 -6.73
C GLU A 17 -2.01 -5.06 -7.42
N LEU A 18 -1.14 -4.46 -6.62
CA LEU A 18 0.05 -3.80 -7.16
C LEU A 18 1.31 -4.30 -6.47
N THR A 19 2.35 -4.57 -7.27
CA THR A 19 3.61 -5.05 -6.75
C THR A 19 4.56 -3.90 -6.41
N LEU A 20 5.02 -3.85 -5.18
CA LEU A 20 5.92 -2.80 -4.73
C LEU A 20 6.91 -3.33 -3.70
N GLN A 21 8.18 -2.93 -3.84
CA GLN A 21 9.23 -3.37 -2.93
C GLN A 21 9.43 -2.36 -1.80
N LYS A 22 10.13 -2.78 -0.76
CA LYS A 22 10.39 -1.90 0.39
C LYS A 22 10.90 -0.54 -0.06
N GLY A 23 10.62 0.48 0.75
CA GLY A 23 11.06 1.82 0.42
C GLY A 23 10.03 2.60 -0.38
N ASP A 24 9.05 1.89 -0.93
CA ASP A 24 7.99 2.52 -1.72
C ASP A 24 6.93 3.15 -0.82
N ILE A 25 6.58 4.39 -1.09
CA ILE A 25 5.58 5.10 -0.31
C ILE A 25 4.35 5.43 -1.16
N VAL A 26 3.18 5.18 -0.60
CA VAL A 26 1.93 5.45 -1.31
C VAL A 26 0.95 6.23 -0.45
N TYR A 27 0.03 6.94 -1.10
CA TYR A 27 -0.96 7.74 -0.38
C TYR A 27 -2.28 6.99 -0.28
N ILE A 28 -2.58 6.48 0.90
CA ILE A 28 -3.81 5.75 1.14
C ILE A 28 -4.98 6.69 1.38
N HIS A 29 -6.14 6.34 0.81
CA HIS A 29 -7.34 7.16 0.96
C HIS A 29 -8.16 6.71 2.16
N LYS A 30 -8.54 5.44 2.16
CA LYS A 30 -9.33 4.87 3.25
C LYS A 30 -8.67 3.60 3.78
N GLU A 31 -8.81 3.37 5.08
CA GLU A 31 -8.23 2.20 5.72
C GLU A 31 -9.25 1.08 5.86
N VAL A 32 -9.06 0.02 5.09
CA VAL A 32 -9.96 -1.13 5.13
C VAL A 32 -9.39 -2.19 6.05
N ASP A 33 -9.82 -2.15 7.30
CA ASP A 33 -9.36 -3.09 8.32
C ASP A 33 -9.75 -4.54 7.98
N LYS A 34 -10.58 -4.72 6.95
CA LYS A 34 -11.00 -6.05 6.53
C LYS A 34 -9.81 -6.98 6.31
N ASN A 35 -8.62 -6.38 6.11
CA ASN A 35 -7.36 -7.11 5.88
C ASN A 35 -6.78 -6.75 4.51
N TRP A 36 -7.14 -5.57 4.00
CA TRP A 36 -6.65 -5.10 2.71
C TRP A 36 -6.77 -3.59 2.61
N LEU A 37 -5.63 -2.91 2.52
CA LEU A 37 -5.62 -1.47 2.42
C LEU A 37 -5.72 -1.02 0.96
N GLU A 38 -6.48 0.04 0.74
CA GLU A 38 -6.66 0.57 -0.62
C GLU A 38 -5.86 1.85 -0.81
N GLY A 39 -4.96 1.84 -1.79
CA GLY A 39 -4.15 3.01 -2.08
C GLY A 39 -3.95 3.23 -3.56
N GLU A 40 -3.57 4.46 -3.92
CA GLU A 40 -3.35 4.82 -5.32
C GLU A 40 -2.11 5.69 -5.46
N HIS A 41 -1.37 5.51 -6.55
CA HIS A 41 -0.16 6.28 -6.79
C HIS A 41 0.07 6.47 -8.29
N HIS A 42 0.39 7.71 -8.68
CA HIS A 42 0.65 8.04 -10.07
C HIS A 42 -0.51 7.63 -10.97
N GLY A 43 -1.72 7.79 -10.47
CA GLY A 43 -2.90 7.44 -11.25
C GLY A 43 -3.21 5.95 -11.22
N ARG A 44 -2.29 5.15 -10.71
CA ARG A 44 -2.48 3.71 -10.64
C ARG A 44 -2.89 3.29 -9.23
N LEU A 45 -3.82 2.33 -9.14
CA LEU A 45 -4.29 1.85 -7.85
C LEU A 45 -3.57 0.56 -7.44
N GLY A 46 -3.04 0.56 -6.23
CA GLY A 46 -2.33 -0.61 -5.73
C GLY A 46 -2.79 -1.00 -4.34
N ILE A 47 -3.30 -2.21 -4.22
CA ILE A 47 -3.79 -2.70 -2.93
C ILE A 47 -2.97 -3.90 -2.44
N PHE A 48 -2.84 -4.01 -1.13
CA PHE A 48 -2.09 -5.11 -0.52
C PHE A 48 -2.48 -5.26 0.95
N PRO A 49 -2.22 -6.44 1.54
CA PRO A 49 -2.56 -6.70 2.95
C PRO A 49 -1.97 -5.65 3.88
N ALA A 50 -2.76 -5.24 4.86
CA ALA A 50 -2.34 -4.23 5.82
C ALA A 50 -1.21 -4.74 6.72
N ASN A 51 -0.98 -6.06 6.68
CA ASN A 51 0.07 -6.67 7.49
C ASN A 51 1.40 -6.70 6.75
N TYR A 52 1.50 -5.94 5.66
CA TYR A 52 2.72 -5.89 4.87
C TYR A 52 3.31 -4.49 4.86
N VAL A 53 2.84 -3.63 5.75
CA VAL A 53 3.33 -2.26 5.84
C VAL A 53 3.13 -1.69 7.24
N GLU A 54 3.89 -0.66 7.58
CA GLU A 54 3.80 -0.02 8.89
C GLU A 54 3.30 1.42 8.76
N VAL A 55 2.37 1.80 9.63
CA VAL A 55 1.82 3.14 9.62
C VAL A 55 2.82 4.16 10.15
N LEU A 56 3.13 5.16 9.33
CA LEU A 56 4.07 6.19 9.71
C LEU A 56 4.14 7.30 8.66
N PRO A 57 3.09 8.14 8.58
CA PRO A 57 3.03 9.24 7.61
C PRO A 57 4.26 10.12 7.66
N LEU A 58 5.12 9.99 6.64
CA LEU A 58 6.34 10.78 6.56
C LEU A 58 6.05 12.17 5.99
N GLU A 59 7.10 12.97 5.85
CA GLU A 59 6.97 14.32 5.32
C GLU A 59 6.84 14.29 3.79
N MET A 1 -3.73 11.72 2.68
CA MET A 1 -3.14 12.39 3.88
C MET A 1 -2.19 11.46 4.62
N LYS A 2 -2.71 10.30 5.01
CA LYS A 2 -1.90 9.31 5.74
C LYS A 2 -1.03 8.50 4.78
N ALA A 3 0.27 8.61 4.94
CA ALA A 3 1.21 7.89 4.09
C ALA A 3 1.83 6.71 4.83
N ALA A 4 2.22 5.67 4.08
CA ALA A 4 2.81 4.49 4.68
C ALA A 4 3.97 3.97 3.83
N ARG A 5 5.03 3.54 4.50
CA ARG A 5 6.20 3.01 3.80
C ARG A 5 6.20 1.49 3.83
N LEU A 6 6.46 0.88 2.67
CA LEU A 6 6.49 -0.57 2.56
C LEU A 6 7.72 -1.15 3.26
N LYS A 7 7.65 -2.45 3.56
CA LYS A 7 8.75 -3.13 4.22
C LYS A 7 8.80 -4.60 3.81
N PHE A 8 8.43 -4.87 2.54
CA PHE A 8 8.43 -6.23 2.02
C PHE A 8 8.48 -6.24 0.50
N ASP A 9 9.17 -7.24 -0.05
CA ASP A 9 9.28 -7.38 -1.49
C ASP A 9 8.25 -8.38 -2.01
N PHE A 10 6.99 -7.96 -2.02
CA PHE A 10 5.91 -8.83 -2.48
C PHE A 10 5.32 -8.36 -3.80
N GLN A 11 4.92 -9.30 -4.64
CA GLN A 11 4.35 -8.99 -5.95
C GLN A 11 2.88 -9.40 -6.00
N ALA A 12 2.06 -8.57 -6.64
CA ALA A 12 0.64 -8.85 -6.76
C ALA A 12 0.37 -9.90 -7.84
N GLN A 13 -0.48 -10.86 -7.51
CA GLN A 13 -0.81 -11.93 -8.45
C GLN A 13 -2.12 -11.62 -9.18
N SER A 14 -3.07 -11.04 -8.45
CA SER A 14 -4.36 -10.70 -9.03
C SER A 14 -4.31 -9.32 -9.68
N PRO A 15 -5.02 -9.15 -10.82
CA PRO A 15 -5.05 -7.87 -11.55
C PRO A 15 -5.50 -6.71 -10.66
N LYS A 16 -6.31 -7.02 -9.65
CA LYS A 16 -6.82 -6.01 -8.74
C LYS A 16 -5.73 -5.56 -7.77
N GLU A 17 -4.81 -6.46 -7.48
CA GLU A 17 -3.71 -6.17 -6.57
C GLU A 17 -2.58 -5.45 -7.30
N LEU A 18 -1.69 -4.83 -6.53
CA LEU A 18 -0.56 -4.11 -7.09
C LEU A 18 0.76 -4.63 -6.55
N THR A 19 1.75 -4.79 -7.44
CA THR A 19 3.06 -5.30 -7.05
C THR A 19 3.94 -4.15 -6.56
N LEU A 20 4.42 -4.27 -5.33
CA LEU A 20 5.26 -3.25 -4.74
C LEU A 20 6.38 -3.89 -3.91
N GLN A 21 7.56 -3.28 -3.96
CA GLN A 21 8.71 -3.80 -3.23
C GLN A 21 9.17 -2.80 -2.17
N LYS A 22 10.00 -3.28 -1.24
CA LYS A 22 10.52 -2.45 -0.15
C LYS A 22 11.12 -1.14 -0.69
N GLY A 23 11.01 -0.08 0.11
CA GLY A 23 11.55 1.20 -0.29
C GLY A 23 10.55 2.06 -1.06
N ASP A 24 9.39 1.49 -1.37
CA ASP A 24 8.36 2.23 -2.12
C ASP A 24 7.31 2.82 -1.18
N ILE A 25 7.03 4.10 -1.36
CA ILE A 25 6.03 4.80 -0.55
C ILE A 25 4.86 5.24 -1.41
N VAL A 26 3.64 5.09 -0.87
CA VAL A 26 2.44 5.47 -1.58
C VAL A 26 1.46 6.22 -0.69
N TYR A 27 0.70 7.14 -1.28
CA TYR A 27 -0.28 7.91 -0.53
C TYR A 27 -1.52 7.07 -0.24
N ILE A 28 -1.70 6.73 1.04
CA ILE A 28 -2.84 5.92 1.45
C ILE A 28 -4.10 6.76 1.61
N HIS A 29 -5.21 6.28 1.05
CA HIS A 29 -6.48 6.98 1.14
C HIS A 29 -7.29 6.45 2.32
N LYS A 30 -7.24 5.13 2.52
CA LYS A 30 -7.95 4.49 3.61
C LYS A 30 -7.17 3.29 4.13
N GLU A 31 -7.26 3.06 5.43
CA GLU A 31 -6.55 1.94 6.04
C GLU A 31 -7.51 0.91 6.60
N VAL A 32 -7.56 -0.26 5.97
CA VAL A 32 -8.43 -1.33 6.41
C VAL A 32 -7.64 -2.35 7.21
N ASP A 33 -7.62 -2.15 8.51
CA ASP A 33 -6.90 -3.03 9.43
C ASP A 33 -7.48 -4.44 9.39
N LYS A 34 -8.75 -4.55 9.04
CA LYS A 34 -9.41 -5.86 8.96
C LYS A 34 -8.95 -6.64 7.73
N ASN A 35 -8.44 -5.92 6.73
CA ASN A 35 -7.97 -6.56 5.51
C ASN A 35 -6.97 -5.66 4.78
N TRP A 36 -7.08 -5.61 3.45
CA TRP A 36 -6.17 -4.80 2.64
C TRP A 36 -6.55 -3.33 2.70
N LEU A 37 -5.55 -2.46 2.55
CA LEU A 37 -5.77 -1.02 2.57
C LEU A 37 -5.74 -0.45 1.14
N GLU A 38 -5.94 0.86 1.02
CA GLU A 38 -5.94 1.50 -0.29
C GLU A 38 -4.66 2.30 -0.51
N GLY A 39 -4.16 2.28 -1.74
CA GLY A 39 -2.95 3.01 -2.07
C GLY A 39 -2.85 3.32 -3.56
N GLU A 40 -2.87 4.60 -3.90
CA GLU A 40 -2.80 5.02 -5.29
C GLU A 40 -1.58 5.90 -5.54
N HIS A 41 -0.97 5.75 -6.71
CA HIS A 41 0.21 6.53 -7.06
C HIS A 41 0.30 6.75 -8.56
N HIS A 42 0.59 8.00 -8.95
CA HIS A 42 0.71 8.36 -10.36
C HIS A 42 -0.52 7.93 -11.16
N GLY A 43 -1.70 8.06 -10.54
CA GLY A 43 -2.93 7.69 -11.21
C GLY A 43 -3.21 6.19 -11.16
N ARG A 44 -2.23 5.41 -10.74
CA ARG A 44 -2.40 3.96 -10.64
C ARG A 44 -2.81 3.56 -9.23
N LEU A 45 -3.88 2.79 -9.13
CA LEU A 45 -4.37 2.35 -7.83
C LEU A 45 -3.88 0.94 -7.50
N GLY A 46 -3.29 0.81 -6.31
CA GLY A 46 -2.80 -0.48 -5.88
C GLY A 46 -3.18 -0.77 -4.44
N ILE A 47 -3.57 -2.01 -4.18
CA ILE A 47 -3.98 -2.41 -2.84
C ILE A 47 -3.04 -3.46 -2.25
N PHE A 48 -2.87 -3.41 -0.94
CA PHE A 48 -2.00 -4.35 -0.23
C PHE A 48 -2.46 -4.52 1.22
N PRO A 49 -2.07 -5.62 1.87
CA PRO A 49 -2.46 -5.90 3.26
C PRO A 49 -1.89 -4.87 4.23
N ALA A 50 -2.74 -4.38 5.12
CA ALA A 50 -2.33 -3.39 6.11
C ALA A 50 -1.36 -4.00 7.11
N ASN A 51 -1.61 -5.25 7.49
CA ASN A 51 -0.76 -5.95 8.44
C ASN A 51 0.65 -6.11 7.92
N TYR A 52 0.79 -6.19 6.60
CA TYR A 52 2.10 -6.35 5.97
C TYR A 52 2.83 -5.01 5.87
N VAL A 53 2.11 -3.90 6.02
CA VAL A 53 2.71 -2.58 5.94
C VAL A 53 2.55 -1.82 7.25
N GLU A 54 3.39 -0.81 7.45
CA GLU A 54 3.34 0.00 8.66
C GLU A 54 2.80 1.39 8.36
N VAL A 55 2.01 1.93 9.29
CA VAL A 55 1.42 3.25 9.11
C VAL A 55 2.29 4.33 9.76
N LEU A 56 2.85 5.20 8.93
CA LEU A 56 3.71 6.28 9.43
C LEU A 56 3.74 7.45 8.44
N PRO A 57 2.66 8.24 8.38
CA PRO A 57 2.58 9.39 7.47
C PRO A 57 3.79 10.31 7.58
N LEU A 58 4.41 10.62 6.45
CA LEU A 58 5.58 11.49 6.42
C LEU A 58 5.23 12.82 5.77
N GLU A 59 4.31 12.80 4.83
CA GLU A 59 3.89 14.02 4.14
C GLU A 59 2.37 14.14 4.11
N MET A 1 -3.66 13.43 3.35
CA MET A 1 -2.77 12.57 2.52
C MET A 1 -2.04 11.54 3.38
N LYS A 2 -2.71 10.42 3.64
CA LYS A 2 -2.13 9.36 4.45
C LYS A 2 -1.05 8.59 3.66
N ALA A 3 0.21 8.88 3.96
CA ALA A 3 1.32 8.23 3.29
C ALA A 3 1.91 7.12 4.13
N ALA A 4 2.49 6.13 3.48
CA ALA A 4 3.09 5.00 4.18
C ALA A 4 4.23 4.39 3.37
N ARG A 5 5.27 3.94 4.06
CA ARG A 5 6.42 3.34 3.39
C ARG A 5 6.38 1.81 3.51
N LEU A 6 6.51 1.14 2.37
CA LEU A 6 6.48 -0.31 2.34
C LEU A 6 7.73 -0.89 3.00
N LYS A 7 7.59 -2.07 3.60
CA LYS A 7 8.70 -2.72 4.28
C LYS A 7 8.77 -4.21 3.92
N PHE A 8 7.96 -4.63 2.94
CA PHE A 8 7.94 -6.03 2.52
C PHE A 8 7.44 -6.16 1.08
N ASP A 9 8.31 -6.63 0.20
CA ASP A 9 7.95 -6.81 -1.20
C ASP A 9 6.88 -7.89 -1.36
N PHE A 10 5.64 -7.45 -1.63
CA PHE A 10 4.53 -8.38 -1.80
C PHE A 10 4.14 -8.49 -3.27
N GLN A 11 3.88 -9.72 -3.72
CA GLN A 11 3.49 -9.96 -5.10
C GLN A 11 1.97 -9.94 -5.26
N ALA A 12 1.49 -9.27 -6.28
CA ALA A 12 0.05 -9.18 -6.54
C ALA A 12 -0.47 -10.47 -7.16
N GLN A 13 -1.05 -11.33 -6.32
CA GLN A 13 -1.60 -12.59 -6.77
C GLN A 13 -2.74 -12.37 -7.76
N SER A 14 -3.56 -11.36 -7.49
CA SER A 14 -4.69 -11.03 -8.36
C SER A 14 -4.31 -9.96 -9.37
N PRO A 15 -5.00 -9.91 -10.52
CA PRO A 15 -4.73 -8.91 -11.55
C PRO A 15 -5.06 -7.50 -11.11
N LYS A 16 -6.00 -7.37 -10.17
CA LYS A 16 -6.41 -6.07 -9.66
C LYS A 16 -5.39 -5.53 -8.67
N GLU A 17 -4.68 -6.44 -8.00
CA GLU A 17 -3.66 -6.05 -7.03
C GLU A 17 -2.42 -5.50 -7.72
N LEU A 18 -1.53 -4.90 -6.94
CA LEU A 18 -0.30 -4.33 -7.49
C LEU A 18 0.91 -4.78 -6.68
N THR A 19 1.97 -5.15 -7.37
CA THR A 19 3.21 -5.61 -6.72
C THR A 19 4.09 -4.42 -6.37
N LEU A 20 4.43 -4.30 -5.09
CA LEU A 20 5.27 -3.20 -4.61
C LEU A 20 6.46 -3.74 -3.84
N GLN A 21 7.54 -2.96 -3.80
CA GLN A 21 8.75 -3.35 -3.09
C GLN A 21 9.05 -2.39 -1.94
N LYS A 22 9.90 -2.82 -1.02
CA LYS A 22 10.28 -2.01 0.12
C LYS A 22 10.88 -0.68 -0.32
N GLY A 23 10.67 0.36 0.49
CA GLY A 23 11.20 1.67 0.17
C GLY A 23 10.26 2.50 -0.68
N ASP A 24 9.14 1.91 -1.09
CA ASP A 24 8.16 2.62 -1.90
C ASP A 24 7.06 3.23 -1.03
N ILE A 25 6.77 4.51 -1.26
CA ILE A 25 5.75 5.21 -0.49
C ILE A 25 4.59 5.62 -1.39
N VAL A 26 3.37 5.44 -0.90
CA VAL A 26 2.17 5.80 -1.65
C VAL A 26 1.12 6.43 -0.75
N TYR A 27 0.14 7.09 -1.37
CA TYR A 27 -0.94 7.73 -0.62
C TYR A 27 -2.13 6.79 -0.48
N ILE A 28 -2.49 6.49 0.77
CA ILE A 28 -3.62 5.59 1.04
C ILE A 28 -4.94 6.33 0.96
N HIS A 29 -5.87 5.78 0.18
CA HIS A 29 -7.19 6.38 0.02
C HIS A 29 -8.14 5.87 1.10
N LYS A 30 -8.55 4.62 0.98
CA LYS A 30 -9.45 4.01 1.95
C LYS A 30 -8.71 2.99 2.81
N GLU A 31 -9.20 2.77 4.03
CA GLU A 31 -8.55 1.84 4.95
C GLU A 31 -9.44 0.64 5.25
N VAL A 32 -9.07 -0.50 4.70
CA VAL A 32 -9.81 -1.74 4.95
C VAL A 32 -9.17 -2.51 6.08
N ASP A 33 -9.68 -2.31 7.27
CA ASP A 33 -9.17 -2.96 8.47
C ASP A 33 -9.32 -4.47 8.39
N LYS A 34 -10.13 -4.96 7.45
CA LYS A 34 -10.33 -6.40 7.30
C LYS A 34 -8.99 -7.13 7.22
N ASN A 35 -8.12 -6.67 6.32
CA ASN A 35 -6.78 -7.27 6.15
C ASN A 35 -6.14 -6.90 4.81
N TRP A 36 -6.53 -5.76 4.24
CA TRP A 36 -5.97 -5.31 2.97
C TRP A 36 -6.16 -3.82 2.77
N LEU A 37 -5.07 -3.07 2.73
CA LEU A 37 -5.11 -1.64 2.53
C LEU A 37 -5.05 -1.28 1.05
N GLU A 38 -5.67 -0.15 0.69
CA GLU A 38 -5.67 0.31 -0.69
C GLU A 38 -4.75 1.53 -0.86
N GLY A 39 -4.01 1.54 -1.96
CA GLY A 39 -3.11 2.66 -2.22
C GLY A 39 -3.07 3.03 -3.69
N GLU A 40 -2.42 4.16 -3.99
CA GLU A 40 -2.30 4.63 -5.37
C GLU A 40 -1.02 5.41 -5.57
N HIS A 41 -0.54 5.46 -6.81
CA HIS A 41 0.69 6.19 -7.12
C HIS A 41 0.67 6.72 -8.55
N HIS A 42 0.92 8.02 -8.69
CA HIS A 42 0.92 8.66 -10.00
C HIS A 42 -0.37 8.40 -10.76
N GLY A 43 -1.49 8.40 -10.04
CA GLY A 43 -2.78 8.17 -10.65
C GLY A 43 -3.09 6.70 -10.86
N ARG A 44 -2.10 5.84 -10.63
CA ARG A 44 -2.28 4.40 -10.79
C ARG A 44 -2.83 3.77 -9.52
N LEU A 45 -3.50 2.63 -9.66
CA LEU A 45 -4.07 1.94 -8.52
C LEU A 45 -3.16 0.81 -8.04
N GLY A 46 -2.86 0.82 -6.75
CA GLY A 46 -2.00 -0.20 -6.18
C GLY A 46 -2.40 -0.57 -4.77
N ILE A 47 -2.87 -1.80 -4.59
CA ILE A 47 -3.31 -2.27 -3.28
C ILE A 47 -2.41 -3.39 -2.76
N PHE A 48 -2.25 -3.44 -1.44
CA PHE A 48 -1.43 -4.46 -0.80
C PHE A 48 -1.89 -4.68 0.65
N PRO A 49 -1.55 -5.84 1.24
CA PRO A 49 -1.95 -6.14 2.62
C PRO A 49 -1.39 -5.13 3.62
N ALA A 50 -2.25 -4.67 4.52
CA ALA A 50 -1.85 -3.70 5.53
C ALA A 50 -0.87 -4.31 6.53
N ASN A 51 -1.05 -5.60 6.81
CA ASN A 51 -0.19 -6.30 7.76
C ASN A 51 1.27 -6.25 7.31
N TYR A 52 1.49 -6.02 6.02
CA TYR A 52 2.84 -5.96 5.46
C TYR A 52 3.25 -4.53 5.15
N VAL A 53 2.80 -3.59 5.99
CA VAL A 53 3.13 -2.17 5.79
C VAL A 53 3.06 -1.41 7.10
N GLU A 54 3.63 -0.21 7.09
CA GLU A 54 3.63 0.65 8.27
C GLU A 54 2.87 1.94 8.00
N VAL A 55 1.82 2.19 8.77
CA VAL A 55 1.01 3.38 8.60
C VAL A 55 1.65 4.58 9.31
N LEU A 56 1.99 5.61 8.53
CA LEU A 56 2.60 6.80 9.08
C LEU A 56 2.80 7.87 8.00
N PRO A 57 1.85 8.82 7.89
CA PRO A 57 1.91 9.90 6.90
C PRO A 57 3.07 10.87 7.15
N LEU A 58 4.29 10.33 7.12
CA LEU A 58 5.49 11.15 7.34
C LEU A 58 5.36 11.99 8.60
N GLU A 59 6.37 12.80 8.87
CA GLU A 59 6.37 13.66 10.05
C GLU A 59 6.62 15.12 9.67
N MET A 1 -3.80 14.23 4.75
CA MET A 1 -2.34 13.98 4.85
C MET A 1 -2.07 12.66 5.58
N LYS A 2 -1.61 11.66 4.84
CA LYS A 2 -1.31 10.36 5.42
C LYS A 2 -0.50 9.51 4.45
N ALA A 3 0.74 9.20 4.82
CA ALA A 3 1.62 8.40 3.98
C ALA A 3 2.16 7.20 4.76
N ALA A 4 2.48 6.13 4.03
CA ALA A 4 3.00 4.92 4.65
C ALA A 4 4.16 4.34 3.84
N ARG A 5 5.21 3.93 4.52
CA ARG A 5 6.38 3.35 3.86
C ARG A 5 6.37 1.84 3.99
N LEU A 6 6.13 1.15 2.88
CA LEU A 6 6.08 -0.30 2.86
C LEU A 6 7.44 -0.90 3.20
N LYS A 7 7.46 -2.20 3.44
CA LYS A 7 8.70 -2.90 3.78
C LYS A 7 8.58 -4.40 3.50
N PHE A 8 7.83 -4.76 2.47
CA PHE A 8 7.64 -6.17 2.13
C PHE A 8 7.54 -6.38 0.62
N ASP A 9 8.64 -6.77 0.00
CA ASP A 9 8.67 -7.00 -1.44
C ASP A 9 7.83 -8.23 -1.81
N PHE A 10 6.51 -8.08 -1.74
CA PHE A 10 5.60 -9.16 -2.06
C PHE A 10 4.98 -8.97 -3.44
N GLN A 11 4.81 -10.06 -4.17
CA GLN A 11 4.23 -10.02 -5.50
C GLN A 11 2.70 -10.04 -5.45
N ALA A 12 2.07 -9.28 -6.34
CA ALA A 12 0.61 -9.20 -6.38
C ALA A 12 0.01 -10.54 -6.80
N GLN A 13 -1.10 -10.91 -6.15
CA GLN A 13 -1.77 -12.17 -6.46
C GLN A 13 -2.73 -11.99 -7.63
N SER A 14 -3.40 -10.85 -7.68
CA SER A 14 -4.36 -10.57 -8.74
C SER A 14 -3.76 -9.61 -9.77
N PRO A 15 -4.07 -9.80 -11.06
CA PRO A 15 -3.56 -8.95 -12.14
C PRO A 15 -3.88 -7.48 -11.90
N LYS A 16 -4.98 -7.22 -11.19
CA LYS A 16 -5.39 -5.84 -10.90
C LYS A 16 -4.62 -5.28 -9.72
N GLU A 17 -4.20 -6.16 -8.81
CA GLU A 17 -3.46 -5.74 -7.63
C GLU A 17 -2.15 -5.06 -8.03
N LEU A 18 -1.42 -4.56 -7.04
CA LEU A 18 -0.15 -3.88 -7.29
C LEU A 18 0.96 -4.46 -6.43
N THR A 19 2.13 -4.67 -7.05
CA THR A 19 3.28 -5.22 -6.34
C THR A 19 4.06 -4.11 -5.64
N LEU A 20 4.40 -4.34 -4.38
CA LEU A 20 5.15 -3.37 -3.59
C LEU A 20 6.51 -3.91 -3.19
N GLN A 21 7.44 -2.99 -2.92
CA GLN A 21 8.79 -3.37 -2.50
C GLN A 21 9.18 -2.59 -1.25
N LYS A 22 10.22 -3.06 -0.58
CA LYS A 22 10.70 -2.41 0.64
C LYS A 22 11.08 -0.96 0.38
N GLY A 23 10.46 -0.05 1.12
CA GLY A 23 10.74 1.36 0.95
C GLY A 23 9.71 2.08 0.09
N ASP A 24 8.78 1.32 -0.48
CA ASP A 24 7.74 1.91 -1.33
C ASP A 24 6.76 2.75 -0.51
N ILE A 25 6.52 3.97 -0.97
CA ILE A 25 5.59 4.87 -0.28
C ILE A 25 4.38 5.17 -1.15
N VAL A 26 3.19 4.94 -0.58
CA VAL A 26 1.95 5.19 -1.31
C VAL A 26 0.88 5.79 -0.39
N TYR A 27 -0.07 6.51 -0.98
CA TYR A 27 -1.15 7.12 -0.23
C TYR A 27 -2.31 6.16 -0.05
N ILE A 28 -2.70 5.91 1.21
CA ILE A 28 -3.80 5.00 1.50
C ILE A 28 -5.14 5.70 1.34
N HIS A 29 -6.08 5.01 0.69
CA HIS A 29 -7.41 5.56 0.47
C HIS A 29 -8.39 5.02 1.51
N LYS A 30 -8.27 3.74 1.82
CA LYS A 30 -9.14 3.11 2.81
C LYS A 30 -8.37 2.06 3.60
N GLU A 31 -8.65 1.97 4.89
CA GLU A 31 -7.96 1.02 5.75
C GLU A 31 -8.88 -0.11 6.19
N VAL A 32 -8.73 -1.25 5.55
CA VAL A 32 -9.53 -2.42 5.89
C VAL A 32 -8.71 -3.32 6.80
N ASP A 33 -8.96 -3.20 8.08
CA ASP A 33 -8.24 -3.97 9.09
C ASP A 33 -8.46 -5.48 8.92
N LYS A 34 -9.47 -5.86 8.13
CA LYS A 34 -9.75 -7.27 7.92
C LYS A 34 -8.54 -7.95 7.30
N ASN A 35 -7.95 -7.32 6.28
CA ASN A 35 -6.76 -7.87 5.61
C ASN A 35 -6.51 -7.18 4.26
N TRP A 36 -6.89 -5.90 4.14
CA TRP A 36 -6.69 -5.18 2.88
C TRP A 36 -6.72 -3.66 3.10
N LEU A 37 -6.40 -2.93 2.04
CA LEU A 37 -6.39 -1.47 2.09
C LEU A 37 -6.31 -0.91 0.66
N GLU A 38 -6.70 0.35 0.49
CA GLU A 38 -6.67 0.98 -0.82
C GLU A 38 -5.54 2.00 -0.93
N GLY A 39 -4.99 2.15 -2.13
CA GLY A 39 -3.90 3.09 -2.33
C GLY A 39 -3.63 3.36 -3.80
N GLU A 40 -3.04 4.50 -4.09
CA GLU A 40 -2.71 4.88 -5.46
C GLU A 40 -1.47 5.75 -5.52
N HIS A 41 -0.79 5.75 -6.66
CA HIS A 41 0.42 6.54 -6.84
C HIS A 41 0.47 7.16 -8.23
N HIS A 42 0.59 8.48 -8.28
CA HIS A 42 0.66 9.20 -9.54
C HIS A 42 -0.55 8.88 -10.43
N GLY A 43 -1.72 8.76 -9.80
CA GLY A 43 -2.93 8.47 -10.55
C GLY A 43 -3.15 6.98 -10.75
N ARG A 44 -2.12 6.17 -10.46
CA ARG A 44 -2.22 4.73 -10.62
C ARG A 44 -2.83 4.09 -9.38
N LEU A 45 -3.58 3.01 -9.58
CA LEU A 45 -4.23 2.32 -8.47
C LEU A 45 -3.42 1.12 -8.02
N GLY A 46 -3.37 0.93 -6.71
CA GLY A 46 -2.63 -0.19 -6.14
C GLY A 46 -3.16 -0.60 -4.79
N ILE A 47 -3.52 -1.87 -4.66
CA ILE A 47 -4.05 -2.39 -3.41
C ILE A 47 -3.13 -3.46 -2.82
N PHE A 48 -3.10 -3.52 -1.49
CA PHE A 48 -2.26 -4.48 -0.78
C PHE A 48 -2.78 -4.70 0.64
N PRO A 49 -2.41 -5.83 1.27
CA PRO A 49 -2.84 -6.14 2.64
C PRO A 49 -2.36 -5.10 3.65
N ALA A 50 -3.27 -4.67 4.52
CA ALA A 50 -2.95 -3.67 5.54
C ALA A 50 -1.97 -4.23 6.57
N ASN A 51 -1.99 -5.55 6.74
CA ASN A 51 -1.12 -6.21 7.71
C ASN A 51 0.34 -6.19 7.25
N TYR A 52 0.57 -5.78 6.01
CA TYR A 52 1.92 -5.71 5.46
C TYR A 52 2.31 -4.28 5.11
N VAL A 53 2.07 -3.37 6.04
CA VAL A 53 2.40 -1.96 5.84
C VAL A 53 2.68 -1.26 7.17
N GLU A 54 3.40 -0.14 7.10
CA GLU A 54 3.72 0.62 8.28
C GLU A 54 3.21 2.05 8.18
N VAL A 55 2.41 2.47 9.16
CA VAL A 55 1.85 3.81 9.17
C VAL A 55 2.83 4.82 9.76
N LEU A 56 3.22 5.80 8.94
CA LEU A 56 4.16 6.82 9.37
C LEU A 56 4.20 7.99 8.38
N PRO A 57 3.12 8.78 8.31
CA PRO A 57 3.03 9.92 7.40
C PRO A 57 4.21 10.87 7.53
N LEU A 58 5.03 10.93 6.49
CA LEU A 58 6.21 11.80 6.50
C LEU A 58 5.91 13.13 5.80
N GLU A 59 5.35 14.07 6.54
CA GLU A 59 5.02 15.38 5.99
C GLU A 59 6.28 16.13 5.56
N MET A 1 -2.34 13.20 3.99
CA MET A 1 -2.51 13.24 5.47
C MET A 1 -2.03 11.94 6.10
N LYS A 2 -2.14 10.84 5.37
CA LYS A 2 -1.72 9.54 5.86
C LYS A 2 -0.84 8.83 4.85
N ALA A 3 0.48 8.82 5.11
CA ALA A 3 1.43 8.18 4.20
C ALA A 3 2.20 7.08 4.93
N ALA A 4 2.59 6.05 4.19
CA ALA A 4 3.33 4.94 4.77
C ALA A 4 4.39 4.43 3.78
N ARG A 5 5.53 3.99 4.33
CA ARG A 5 6.61 3.48 3.50
C ARG A 5 6.69 1.96 3.60
N LEU A 6 6.52 1.29 2.46
CA LEU A 6 6.57 -0.17 2.42
C LEU A 6 8.01 -0.67 2.58
N LYS A 7 8.15 -1.91 3.01
CA LYS A 7 9.47 -2.50 3.20
C LYS A 7 9.40 -4.03 3.06
N PHE A 8 8.42 -4.52 2.32
CA PHE A 8 8.26 -5.96 2.12
C PHE A 8 7.88 -6.26 0.68
N ASP A 9 8.88 -6.50 -0.16
CA ASP A 9 8.65 -6.81 -1.57
C ASP A 9 7.56 -7.85 -1.73
N PHE A 10 6.33 -7.40 -1.98
CA PHE A 10 5.20 -8.30 -2.14
C PHE A 10 4.77 -8.36 -3.61
N GLN A 11 4.33 -9.55 -4.03
CA GLN A 11 3.89 -9.75 -5.40
C GLN A 11 2.37 -9.81 -5.49
N ALA A 12 1.79 -9.02 -6.38
CA ALA A 12 0.34 -8.98 -6.55
C ALA A 12 -0.17 -10.31 -7.09
N GLN A 13 -1.26 -10.80 -6.50
CA GLN A 13 -1.86 -12.06 -6.92
C GLN A 13 -2.99 -11.82 -7.92
N SER A 14 -3.75 -10.76 -7.69
CA SER A 14 -4.88 -10.41 -8.55
C SER A 14 -4.49 -9.29 -9.52
N PRO A 15 -5.06 -9.29 -10.73
CA PRO A 15 -4.78 -8.26 -11.73
C PRO A 15 -5.02 -6.85 -11.22
N LYS A 16 -5.93 -6.74 -10.25
CA LYS A 16 -6.27 -5.44 -9.67
C LYS A 16 -5.28 -5.05 -8.57
N GLU A 17 -4.71 -6.06 -7.91
CA GLU A 17 -3.74 -5.82 -6.84
C GLU A 17 -2.58 -4.97 -7.34
N LEU A 18 -1.65 -4.67 -6.44
CA LEU A 18 -0.48 -3.87 -6.79
C LEU A 18 0.80 -4.56 -6.35
N THR A 19 1.80 -4.57 -7.24
CA THR A 19 3.08 -5.20 -6.95
C THR A 19 4.16 -4.15 -6.76
N LEU A 20 4.81 -4.17 -5.59
CA LEU A 20 5.87 -3.21 -5.30
C LEU A 20 6.97 -3.87 -4.48
N GLN A 21 8.17 -3.30 -4.54
CA GLN A 21 9.32 -3.83 -3.81
C GLN A 21 9.57 -3.03 -2.54
N LYS A 22 10.28 -3.64 -1.59
CA LYS A 22 10.58 -3.00 -0.31
C LYS A 22 11.18 -1.61 -0.55
N GLY A 23 10.76 -0.65 0.27
CA GLY A 23 11.26 0.71 0.13
C GLY A 23 10.31 1.62 -0.64
N ASP A 24 9.23 1.05 -1.16
CA ASP A 24 8.26 1.83 -1.92
C ASP A 24 7.36 2.63 -0.98
N ILE A 25 7.08 3.88 -1.36
CA ILE A 25 6.24 4.76 -0.56
C ILE A 25 4.95 5.10 -1.28
N VAL A 26 3.83 4.83 -0.64
CA VAL A 26 2.52 5.11 -1.23
C VAL A 26 1.56 5.69 -0.19
N TYR A 27 0.59 6.49 -0.66
CA TYR A 27 -0.38 7.10 0.22
C TYR A 27 -1.60 6.21 0.40
N ILE A 28 -2.11 6.14 1.62
CA ILE A 28 -3.28 5.32 1.92
C ILE A 28 -4.57 6.04 1.55
N HIS A 29 -5.51 5.30 0.98
CA HIS A 29 -6.79 5.87 0.57
C HIS A 29 -7.91 5.35 1.46
N LYS A 30 -7.86 4.07 1.79
CA LYS A 30 -8.86 3.45 2.65
C LYS A 30 -8.23 2.38 3.54
N GLU A 31 -8.80 2.18 4.72
CA GLU A 31 -8.27 1.20 5.66
C GLU A 31 -9.25 0.06 5.90
N VAL A 32 -8.98 -1.06 5.25
CA VAL A 32 -9.81 -2.23 5.42
C VAL A 32 -9.33 -3.01 6.62
N ASP A 33 -10.03 -2.83 7.73
CA ASP A 33 -9.67 -3.48 8.98
C ASP A 33 -9.76 -5.00 8.84
N LYS A 34 -10.44 -5.48 7.80
CA LYS A 34 -10.56 -6.91 7.57
C LYS A 34 -9.19 -7.50 7.32
N ASN A 35 -8.45 -6.90 6.38
CA ASN A 35 -7.09 -7.36 6.04
C ASN A 35 -6.62 -6.74 4.73
N TRP A 36 -6.97 -5.48 4.48
CA TRP A 36 -6.58 -4.81 3.26
C TRP A 36 -6.62 -3.29 3.40
N LEU A 37 -6.11 -2.60 2.37
CA LEU A 37 -6.09 -1.14 2.33
C LEU A 37 -5.98 -0.67 0.89
N GLU A 38 -6.06 0.63 0.67
CA GLU A 38 -5.96 1.17 -0.69
C GLU A 38 -4.75 2.09 -0.84
N GLY A 39 -4.03 1.92 -1.95
CA GLY A 39 -2.86 2.72 -2.21
C GLY A 39 -2.65 2.95 -3.70
N GLU A 40 -2.62 4.22 -4.11
CA GLU A 40 -2.44 4.56 -5.52
C GLU A 40 -1.17 5.39 -5.72
N HIS A 41 -0.53 5.22 -6.87
CA HIS A 41 0.69 5.94 -7.19
C HIS A 41 0.67 6.43 -8.63
N HIS A 42 0.93 7.73 -8.81
CA HIS A 42 0.95 8.32 -10.15
C HIS A 42 -0.36 8.07 -10.89
N GLY A 43 -1.47 8.13 -10.16
CA GLY A 43 -2.77 7.92 -10.76
C GLY A 43 -3.15 6.45 -10.86
N ARG A 44 -2.20 5.56 -10.61
CA ARG A 44 -2.46 4.14 -10.67
C ARG A 44 -3.11 3.66 -9.38
N LEU A 45 -4.05 2.73 -9.50
CA LEU A 45 -4.75 2.20 -8.34
C LEU A 45 -4.13 0.89 -7.88
N GLY A 46 -3.81 0.82 -6.59
CA GLY A 46 -3.21 -0.39 -6.04
C GLY A 46 -3.69 -0.67 -4.63
N ILE A 47 -3.59 -1.94 -4.22
CA ILE A 47 -4.02 -2.34 -2.90
C ILE A 47 -3.07 -3.38 -2.31
N PHE A 48 -2.91 -3.36 -0.99
CA PHE A 48 -2.03 -4.30 -0.31
C PHE A 48 -2.41 -4.43 1.17
N PRO A 49 -2.00 -5.54 1.81
CA PRO A 49 -2.30 -5.78 3.23
C PRO A 49 -1.68 -4.75 4.16
N ALA A 50 -2.48 -4.24 5.09
CA ALA A 50 -1.99 -3.24 6.04
C ALA A 50 -0.96 -3.82 7.00
N ASN A 51 -0.93 -5.15 7.10
CA ASN A 51 0.01 -5.83 7.99
C ASN A 51 1.41 -5.85 7.39
N TYR A 52 1.50 -5.77 6.07
CA TYR A 52 2.80 -5.77 5.39
C TYR A 52 3.25 -4.35 5.07
N VAL A 53 2.88 -3.41 5.93
CA VAL A 53 3.27 -2.01 5.74
C VAL A 53 3.41 -1.29 7.07
N GLU A 54 4.17 -0.21 7.08
CA GLU A 54 4.40 0.56 8.30
C GLU A 54 3.69 1.92 8.23
N VAL A 55 2.84 2.19 9.21
CA VAL A 55 2.11 3.44 9.25
C VAL A 55 2.97 4.56 9.86
N LEU A 56 3.28 5.57 9.04
CA LEU A 56 4.09 6.69 9.48
C LEU A 56 4.19 7.75 8.40
N PRO A 57 3.20 8.67 8.33
CA PRO A 57 3.19 9.75 7.33
C PRO A 57 4.49 10.56 7.33
N LEU A 58 4.91 10.98 6.15
CA LEU A 58 6.13 11.77 6.02
C LEU A 58 5.82 13.16 5.48
N GLU A 59 4.64 13.67 5.82
CA GLU A 59 4.23 15.00 5.38
C GLU A 59 2.86 15.36 5.95
N MET A 1 -2.58 12.57 3.40
CA MET A 1 -3.30 12.28 4.67
C MET A 1 -2.61 11.14 5.44
N LYS A 2 -2.37 10.04 4.74
CA LYS A 2 -1.72 8.88 5.36
C LYS A 2 -0.66 8.29 4.43
N ALA A 3 0.55 8.14 4.96
CA ALA A 3 1.65 7.58 4.17
C ALA A 3 2.32 6.43 4.91
N ALA A 4 2.37 5.27 4.27
CA ALA A 4 2.98 4.09 4.87
C ALA A 4 4.22 3.66 4.09
N ARG A 5 5.24 3.23 4.82
CA ARG A 5 6.49 2.79 4.22
C ARG A 5 6.57 1.27 4.17
N LEU A 6 6.95 0.73 3.02
CA LEU A 6 7.06 -0.71 2.84
C LEU A 6 8.44 -1.20 3.24
N LYS A 7 8.49 -2.38 3.86
CA LYS A 7 9.75 -2.97 4.29
C LYS A 7 9.88 -4.42 3.86
N PHE A 8 9.06 -4.82 2.89
CA PHE A 8 9.07 -6.20 2.39
C PHE A 8 8.57 -6.26 0.95
N ASP A 9 9.41 -6.74 0.05
CA ASP A 9 9.05 -6.85 -1.36
C ASP A 9 7.91 -7.85 -1.55
N PHE A 10 6.72 -7.34 -1.85
CA PHE A 10 5.56 -8.19 -2.05
C PHE A 10 5.13 -8.19 -3.51
N GLN A 11 4.83 -9.38 -4.03
CA GLN A 11 4.41 -9.51 -5.43
C GLN A 11 2.89 -9.67 -5.53
N ALA A 12 2.26 -8.76 -6.25
CA ALA A 12 0.81 -8.80 -6.43
C ALA A 12 0.37 -10.07 -7.14
N GLN A 13 -0.31 -10.95 -6.42
CA GLN A 13 -0.79 -12.20 -6.98
C GLN A 13 -1.94 -11.96 -7.95
N SER A 14 -2.84 -11.06 -7.56
CA SER A 14 -4.01 -10.73 -8.39
C SER A 14 -3.68 -9.58 -9.34
N PRO A 15 -4.40 -9.50 -10.48
CA PRO A 15 -4.19 -8.44 -11.46
C PRO A 15 -4.61 -7.07 -10.94
N LYS A 16 -5.58 -7.06 -10.03
CA LYS A 16 -6.07 -5.82 -9.45
C LYS A 16 -5.10 -5.28 -8.41
N GLU A 17 -4.36 -6.17 -7.77
CA GLU A 17 -3.39 -5.78 -6.75
C GLU A 17 -2.22 -5.03 -7.38
N LEU A 18 -1.34 -4.51 -6.53
CA LEU A 18 -0.17 -3.78 -7.01
C LEU A 18 1.10 -4.27 -6.33
N THR A 19 2.16 -4.44 -7.11
CA THR A 19 3.44 -4.91 -6.58
C THR A 19 4.27 -3.75 -6.05
N LEU A 20 4.63 -3.82 -4.77
CA LEU A 20 5.42 -2.76 -4.14
C LEU A 20 6.65 -3.35 -3.46
N GLN A 21 7.72 -2.57 -3.41
CA GLN A 21 8.96 -3.00 -2.79
C GLN A 21 9.30 -2.13 -1.57
N LYS A 22 10.14 -2.67 -0.68
CA LYS A 22 10.54 -1.95 0.52
C LYS A 22 11.23 -0.64 0.15
N GLY A 23 10.92 0.41 0.91
CA GLY A 23 11.52 1.70 0.66
C GLY A 23 10.62 2.63 -0.14
N ASP A 24 9.49 2.10 -0.61
CA ASP A 24 8.55 2.90 -1.40
C ASP A 24 7.42 3.42 -0.52
N ILE A 25 6.96 4.64 -0.83
CA ILE A 25 5.88 5.25 -0.06
C ILE A 25 4.64 5.44 -0.93
N VAL A 26 3.47 5.20 -0.33
CA VAL A 26 2.21 5.35 -1.04
C VAL A 26 1.20 6.15 -0.23
N TYR A 27 0.17 6.65 -0.90
CA TYR A 27 -0.86 7.44 -0.23
C TYR A 27 -2.21 6.72 -0.26
N ILE A 28 -2.72 6.41 0.92
CA ILE A 28 -4.00 5.71 1.05
C ILE A 28 -5.17 6.69 0.92
N HIS A 29 -6.22 6.26 0.23
CA HIS A 29 -7.40 7.09 0.03
C HIS A 29 -8.56 6.60 0.90
N LYS A 30 -8.51 5.32 1.27
CA LYS A 30 -9.55 4.72 2.12
C LYS A 30 -8.96 3.57 2.93
N GLU A 31 -9.40 3.44 4.18
CA GLU A 31 -8.90 2.38 5.05
C GLU A 31 -9.96 1.31 5.31
N VAL A 32 -9.66 0.10 4.85
CA VAL A 32 -10.55 -1.03 5.03
C VAL A 32 -9.96 -1.99 6.06
N ASP A 33 -10.35 -1.78 7.30
CA ASP A 33 -9.86 -2.60 8.41
C ASP A 33 -10.27 -4.07 8.27
N LYS A 34 -11.17 -4.36 7.33
CA LYS A 34 -11.62 -5.74 7.12
C LYS A 34 -10.43 -6.69 7.03
N ASN A 35 -9.48 -6.37 6.15
CA ASN A 35 -8.26 -7.17 5.98
C ASN A 35 -7.52 -6.83 4.67
N TRP A 36 -7.76 -5.65 4.11
CA TRP A 36 -7.10 -5.24 2.89
C TRP A 36 -7.13 -3.73 2.72
N LEU A 37 -5.97 -3.09 2.74
CA LEU A 37 -5.87 -1.66 2.60
C LEU A 37 -5.96 -1.24 1.13
N GLU A 38 -6.56 -0.09 0.88
CA GLU A 38 -6.70 0.42 -0.49
C GLU A 38 -5.86 1.68 -0.69
N GLY A 39 -4.98 1.64 -1.67
CA GLY A 39 -4.12 2.79 -1.95
C GLY A 39 -4.02 3.09 -3.43
N GLU A 40 -3.30 4.15 -3.77
CA GLU A 40 -3.13 4.54 -5.16
C GLU A 40 -1.79 5.24 -5.37
N HIS A 41 -1.31 5.23 -6.60
CA HIS A 41 -0.03 5.87 -6.93
C HIS A 41 -0.07 6.50 -8.32
N HIS A 42 0.20 7.79 -8.38
CA HIS A 42 0.21 8.52 -9.65
C HIS A 42 -1.13 8.37 -10.37
N GLY A 43 -2.22 8.40 -9.59
CA GLY A 43 -3.55 8.27 -10.16
C GLY A 43 -3.98 6.82 -10.34
N ARG A 44 -3.04 5.90 -10.18
CA ARG A 44 -3.33 4.48 -10.33
C ARG A 44 -3.72 3.87 -8.98
N LEU A 45 -4.47 2.78 -9.01
CA LEU A 45 -4.90 2.11 -7.79
C LEU A 45 -4.00 0.94 -7.45
N GLY A 46 -3.53 0.92 -6.20
CA GLY A 46 -2.66 -0.15 -5.74
C GLY A 46 -3.05 -0.63 -4.37
N ILE A 47 -3.44 -1.89 -4.28
CA ILE A 47 -3.87 -2.48 -3.01
C ILE A 47 -2.92 -3.59 -2.57
N PHE A 48 -2.76 -3.73 -1.25
CA PHE A 48 -1.89 -4.74 -0.68
C PHE A 48 -2.25 -4.99 0.78
N PRO A 49 -1.85 -6.15 1.34
CA PRO A 49 -2.13 -6.50 2.73
C PRO A 49 -1.67 -5.42 3.70
N ALA A 50 -2.54 -5.06 4.65
CA ALA A 50 -2.22 -4.04 5.63
C ALA A 50 -1.12 -4.50 6.58
N ASN A 51 -0.98 -5.82 6.71
CA ASN A 51 0.05 -6.39 7.59
C ASN A 51 1.41 -6.44 6.90
N TYR A 52 1.48 -5.95 5.67
CA TYR A 52 2.74 -5.96 4.92
C TYR A 52 3.23 -4.53 4.66
N VAL A 53 2.95 -3.65 5.62
CA VAL A 53 3.37 -2.25 5.50
C VAL A 53 3.51 -1.60 6.87
N GLU A 54 4.27 -0.52 6.94
CA GLU A 54 4.48 0.20 8.19
C GLU A 54 3.70 1.51 8.21
N VAL A 55 2.88 1.70 9.24
CA VAL A 55 2.08 2.91 9.37
C VAL A 55 2.91 4.05 9.96
N LEU A 56 3.12 5.09 9.17
CA LEU A 56 3.89 6.25 9.61
C LEU A 56 3.90 7.34 8.55
N PRO A 57 2.78 8.08 8.42
CA PRO A 57 2.65 9.16 7.44
C PRO A 57 3.80 10.15 7.54
N LEU A 58 4.59 10.24 6.46
CA LEU A 58 5.72 11.16 6.43
C LEU A 58 5.39 12.39 5.60
N GLU A 59 5.50 13.57 6.21
CA GLU A 59 5.22 14.82 5.52
C GLU A 59 6.42 15.28 4.70
N MET A 1 -4.44 13.68 4.27
CA MET A 1 -3.84 12.56 3.50
C MET A 1 -2.94 11.70 4.38
N LYS A 2 -2.78 10.44 4.00
CA LYS A 2 -1.94 9.52 4.77
C LYS A 2 -0.88 8.89 3.87
N ALA A 3 0.22 8.47 4.49
CA ALA A 3 1.32 7.86 3.75
C ALA A 3 1.99 6.76 4.58
N ALA A 4 2.53 5.76 3.90
CA ALA A 4 3.21 4.65 4.58
C ALA A 4 4.31 4.07 3.70
N ARG A 5 5.38 3.61 4.35
CA ARG A 5 6.51 3.03 3.65
C ARG A 5 6.48 1.50 3.71
N LEU A 6 6.58 0.86 2.56
CA LEU A 6 6.55 -0.60 2.49
C LEU A 6 7.81 -1.20 3.13
N LYS A 7 7.63 -2.30 3.84
CA LYS A 7 8.74 -2.98 4.50
C LYS A 7 8.81 -4.45 4.10
N PHE A 8 7.97 -4.85 3.15
CA PHE A 8 7.94 -6.24 2.69
C PHE A 8 7.38 -6.32 1.27
N ASP A 9 8.25 -6.61 0.31
CA ASP A 9 7.83 -6.73 -1.08
C ASP A 9 6.70 -7.73 -1.24
N PHE A 10 5.61 -7.29 -1.86
CA PHE A 10 4.45 -8.15 -2.07
C PHE A 10 4.10 -8.23 -3.55
N GLN A 11 3.96 -9.45 -4.07
CA GLN A 11 3.62 -9.65 -5.47
C GLN A 11 2.11 -9.68 -5.68
N ALA A 12 1.64 -8.92 -6.67
CA ALA A 12 0.22 -8.86 -6.97
C ALA A 12 -0.27 -10.15 -7.60
N GLN A 13 -1.36 -10.69 -7.06
CA GLN A 13 -1.93 -11.93 -7.57
C GLN A 13 -3.16 -11.65 -8.42
N SER A 14 -3.91 -10.62 -8.05
CA SER A 14 -5.11 -10.24 -8.78
C SER A 14 -4.79 -9.22 -9.87
N PRO A 15 -5.67 -9.07 -10.87
CA PRO A 15 -5.47 -8.12 -11.97
C PRO A 15 -5.50 -6.67 -11.49
N LYS A 16 -6.19 -6.43 -10.38
CA LYS A 16 -6.30 -5.09 -9.83
C LYS A 16 -5.18 -4.82 -8.81
N GLU A 17 -4.71 -5.88 -8.17
CA GLU A 17 -3.65 -5.76 -7.18
C GLU A 17 -2.40 -5.13 -7.79
N LEU A 18 -1.53 -4.61 -6.94
CA LEU A 18 -0.30 -3.97 -7.40
C LEU A 18 0.92 -4.50 -6.64
N THR A 19 2.00 -4.78 -7.36
CA THR A 19 3.21 -5.28 -6.75
C THR A 19 4.09 -4.12 -6.27
N LEU A 20 4.41 -4.13 -4.98
CA LEU A 20 5.23 -3.08 -4.40
C LEU A 20 6.43 -3.65 -3.67
N GLN A 21 7.55 -2.92 -3.68
CA GLN A 21 8.76 -3.37 -3.02
C GLN A 21 9.10 -2.46 -1.84
N LYS A 22 9.94 -2.96 -0.93
CA LYS A 22 10.35 -2.20 0.24
C LYS A 22 10.98 -0.87 -0.16
N GLY A 23 10.80 0.15 0.68
CA GLY A 23 11.37 1.45 0.40
C GLY A 23 10.42 2.34 -0.40
N ASP A 24 9.28 1.79 -0.81
CA ASP A 24 8.30 2.55 -1.58
C ASP A 24 7.22 3.11 -0.67
N ILE A 25 6.88 4.38 -0.88
CA ILE A 25 5.85 5.04 -0.08
C ILE A 25 4.65 5.41 -0.94
N VAL A 26 3.45 5.12 -0.44
CA VAL A 26 2.23 5.42 -1.16
C VAL A 26 1.22 6.13 -0.27
N TYR A 27 0.18 6.69 -0.88
CA TYR A 27 -0.87 7.39 -0.14
C TYR A 27 -2.12 6.53 -0.03
N ILE A 28 -2.42 6.08 1.18
CA ILE A 28 -3.59 5.24 1.42
C ILE A 28 -4.85 6.10 1.55
N HIS A 29 -5.92 5.66 0.90
CA HIS A 29 -7.19 6.37 0.95
C HIS A 29 -8.09 5.80 2.03
N LYS A 30 -8.53 4.55 1.84
CA LYS A 30 -9.39 3.88 2.80
C LYS A 30 -8.61 2.80 3.55
N GLU A 31 -8.99 2.57 4.81
CA GLU A 31 -8.31 1.56 5.62
C GLU A 31 -9.23 0.41 5.96
N VAL A 32 -8.94 -0.75 5.38
CA VAL A 32 -9.71 -1.95 5.64
C VAL A 32 -8.91 -2.89 6.52
N ASP A 33 -9.16 -2.78 7.83
CA ASP A 33 -8.45 -3.59 8.81
C ASP A 33 -8.72 -5.09 8.64
N LYS A 34 -9.69 -5.45 7.80
CA LYS A 34 -9.99 -6.87 7.58
C LYS A 34 -8.71 -7.65 7.31
N ASN A 35 -7.92 -7.18 6.35
CA ASN A 35 -6.63 -7.81 6.01
C ASN A 35 -6.10 -7.35 4.66
N TRP A 36 -6.51 -6.17 4.20
CA TRP A 36 -6.04 -5.64 2.92
C TRP A 36 -6.24 -4.12 2.85
N LEU A 37 -5.13 -3.39 2.77
CA LEU A 37 -5.18 -1.95 2.69
C LEU A 37 -5.21 -1.48 1.24
N GLU A 38 -5.99 -0.43 0.98
CA GLU A 38 -6.10 0.11 -0.37
C GLU A 38 -5.36 1.45 -0.48
N GLY A 39 -4.53 1.57 -1.52
CA GLY A 39 -3.78 2.79 -1.72
C GLY A 39 -3.44 3.03 -3.18
N GLU A 40 -2.71 4.12 -3.45
CA GLU A 40 -2.32 4.46 -4.81
C GLU A 40 -0.98 5.18 -4.83
N HIS A 41 -0.35 5.24 -5.99
CA HIS A 41 0.94 5.90 -6.14
C HIS A 41 1.11 6.48 -7.54
N HIS A 42 1.54 7.73 -7.61
CA HIS A 42 1.77 8.41 -8.89
C HIS A 42 0.51 8.35 -9.76
N GLY A 43 -0.65 8.47 -9.14
CA GLY A 43 -1.89 8.43 -9.88
C GLY A 43 -2.38 7.02 -10.17
N ARG A 44 -1.53 6.03 -9.90
CA ARG A 44 -1.89 4.64 -10.13
C ARG A 44 -2.52 4.02 -8.88
N LEU A 45 -3.42 3.06 -9.09
CA LEU A 45 -4.09 2.40 -7.98
C LEU A 45 -3.41 1.07 -7.65
N GLY A 46 -3.08 0.89 -6.38
CA GLY A 46 -2.43 -0.33 -5.95
C GLY A 46 -2.79 -0.72 -4.53
N ILE A 47 -3.25 -1.94 -4.35
CA ILE A 47 -3.64 -2.43 -3.03
C ILE A 47 -2.73 -3.55 -2.55
N PHE A 48 -2.54 -3.59 -1.23
CA PHE A 48 -1.70 -4.61 -0.61
C PHE A 48 -2.04 -4.75 0.87
N PRO A 49 -1.69 -5.88 1.49
CA PRO A 49 -1.99 -6.13 2.91
C PRO A 49 -1.30 -5.11 3.83
N ALA A 50 -2.06 -4.58 4.78
CA ALA A 50 -1.53 -3.60 5.72
C ALA A 50 -0.50 -4.22 6.65
N ASN A 51 -0.69 -5.50 6.96
CA ASN A 51 0.22 -6.22 7.85
C ASN A 51 1.65 -6.21 7.29
N TYR A 52 1.77 -5.98 5.98
CA TYR A 52 3.09 -5.96 5.34
C TYR A 52 3.55 -4.52 5.13
N VAL A 53 3.10 -3.60 5.99
CA VAL A 53 3.49 -2.20 5.89
C VAL A 53 3.40 -1.51 7.24
N GLU A 54 3.97 -0.32 7.32
CA GLU A 54 3.96 0.46 8.55
C GLU A 54 3.21 1.78 8.32
N VAL A 55 2.14 2.00 9.07
CA VAL A 55 1.35 3.20 8.94
C VAL A 55 2.05 4.40 9.60
N LEU A 56 2.37 5.41 8.80
CA LEU A 56 3.03 6.59 9.30
C LEU A 56 3.14 7.67 8.21
N PRO A 57 2.10 8.49 8.03
CA PRO A 57 2.08 9.55 7.03
C PRO A 57 3.24 10.52 7.21
N LEU A 58 3.74 11.06 6.10
CA LEU A 58 4.85 12.01 6.15
C LEU A 58 4.58 13.21 5.23
N GLU A 59 4.04 14.27 5.81
CA GLU A 59 3.74 15.48 5.06
C GLU A 59 5.01 16.25 4.74
N MET A 1 -5.62 11.20 3.49
CA MET A 1 -4.39 12.00 3.38
C MET A 1 -3.27 11.44 4.25
N LYS A 2 -3.20 10.11 4.33
CA LYS A 2 -2.19 9.44 5.13
C LYS A 2 -1.30 8.56 4.25
N ALA A 3 0.00 8.78 4.34
CA ALA A 3 0.96 8.01 3.55
C ALA A 3 1.61 6.91 4.40
N ALA A 4 1.83 5.75 3.79
CA ALA A 4 2.44 4.63 4.49
C ALA A 4 3.72 4.18 3.78
N ARG A 5 4.71 3.79 4.57
CA ARG A 5 5.99 3.34 4.02
C ARG A 5 6.08 1.81 4.04
N LEU A 6 6.16 1.21 2.87
CA LEU A 6 6.25 -0.24 2.75
C LEU A 6 7.44 -0.77 3.54
N LYS A 7 7.47 -2.08 3.76
CA LYS A 7 8.55 -2.70 4.51
C LYS A 7 9.24 -3.80 3.72
N PHE A 8 8.50 -4.46 2.82
CA PHE A 8 9.07 -5.53 2.02
C PHE A 8 8.36 -5.64 0.66
N ASP A 9 9.05 -6.24 -0.31
CA ASP A 9 8.48 -6.41 -1.64
C ASP A 9 7.32 -7.38 -1.62
N PHE A 10 6.12 -6.87 -1.90
CA PHE A 10 4.92 -7.69 -1.92
C PHE A 10 4.59 -8.14 -3.34
N GLN A 11 4.34 -9.43 -3.51
CA GLN A 11 4.02 -9.99 -4.81
C GLN A 11 2.50 -10.09 -5.00
N ALA A 12 1.98 -9.26 -5.90
CA ALA A 12 0.54 -9.26 -6.18
C ALA A 12 0.13 -10.52 -6.93
N GLN A 13 -0.99 -11.11 -6.52
CA GLN A 13 -1.50 -12.32 -7.15
C GLN A 13 -2.68 -11.99 -8.07
N SER A 14 -3.51 -11.05 -7.66
CA SER A 14 -4.66 -10.65 -8.44
C SER A 14 -4.41 -9.31 -9.14
N PRO A 15 -5.11 -9.07 -10.27
CA PRO A 15 -4.96 -7.83 -11.03
C PRO A 15 -5.20 -6.58 -10.18
N LYS A 16 -6.02 -6.74 -9.14
CA LYS A 16 -6.32 -5.63 -8.24
C LYS A 16 -5.12 -5.29 -7.36
N GLU A 17 -4.30 -6.28 -7.08
CA GLU A 17 -3.11 -6.09 -6.25
C GLU A 17 -1.96 -5.54 -7.07
N LEU A 18 -1.01 -4.90 -6.39
CA LEU A 18 0.15 -4.32 -7.06
C LEU A 18 1.44 -4.71 -6.35
N THR A 19 2.44 -5.09 -7.15
CA THR A 19 3.74 -5.50 -6.61
C THR A 19 4.68 -4.30 -6.49
N LEU A 20 5.19 -4.07 -5.29
CA LEU A 20 6.11 -2.96 -5.06
C LEU A 20 7.15 -3.32 -3.99
N GLN A 21 8.38 -2.89 -4.22
CA GLN A 21 9.47 -3.16 -3.28
C GLN A 21 9.44 -2.17 -2.13
N LYS A 22 10.06 -2.55 -1.01
CA LYS A 22 10.09 -1.70 0.17
C LYS A 22 10.81 -0.38 -0.14
N GLY A 23 10.59 0.61 0.72
CA GLY A 23 11.21 1.91 0.53
C GLY A 23 10.33 2.88 -0.23
N ASP A 24 9.20 2.39 -0.74
CA ASP A 24 8.27 3.23 -1.48
C ASP A 24 7.13 3.71 -0.60
N ILE A 25 6.63 4.90 -0.88
CA ILE A 25 5.54 5.48 -0.12
C ILE A 25 4.28 5.64 -0.98
N VAL A 26 3.13 5.34 -0.38
CA VAL A 26 1.86 5.45 -1.09
C VAL A 26 0.82 6.23 -0.27
N TYR A 27 -0.13 6.84 -0.97
CA TYR A 27 -1.18 7.61 -0.30
C TYR A 27 -2.46 6.80 -0.20
N ILE A 28 -2.79 6.38 1.02
CA ILE A 28 -4.00 5.59 1.26
C ILE A 28 -5.23 6.48 1.35
N HIS A 29 -6.27 6.11 0.62
CA HIS A 29 -7.52 6.87 0.62
C HIS A 29 -8.50 6.30 1.64
N LYS A 30 -8.65 4.98 1.63
CA LYS A 30 -9.55 4.30 2.55
C LYS A 30 -8.83 3.17 3.27
N GLU A 31 -9.25 2.88 4.50
CA GLU A 31 -8.64 1.82 5.30
C GLU A 31 -9.61 0.68 5.56
N VAL A 32 -9.44 -0.40 4.81
CA VAL A 32 -10.28 -1.57 4.98
C VAL A 32 -9.62 -2.57 5.90
N ASP A 33 -9.99 -2.49 7.17
CA ASP A 33 -9.43 -3.36 8.20
C ASP A 33 -9.75 -4.83 7.94
N LYS A 34 -10.69 -5.10 7.03
CA LYS A 34 -11.06 -6.48 6.72
C LYS A 34 -9.83 -7.32 6.43
N ASN A 35 -8.99 -6.83 5.51
CA ASN A 35 -7.74 -7.52 5.15
C ASN A 35 -7.16 -7.01 3.82
N TRP A 36 -7.49 -5.77 3.45
CA TRP A 36 -6.99 -5.21 2.21
C TRP A 36 -7.08 -3.68 2.22
N LEU A 37 -5.93 -3.02 2.20
CA LEU A 37 -5.89 -1.57 2.20
C LEU A 37 -5.85 -1.01 0.78
N GLU A 38 -6.52 0.11 0.57
CA GLU A 38 -6.55 0.75 -0.74
C GLU A 38 -5.58 1.91 -0.82
N GLY A 39 -4.68 1.87 -1.79
CA GLY A 39 -3.70 2.93 -1.94
C GLY A 39 -3.30 3.13 -3.39
N GLU A 40 -2.83 4.33 -3.71
CA GLU A 40 -2.40 4.65 -5.07
C GLU A 40 -1.24 5.63 -5.06
N HIS A 41 -0.51 5.67 -6.16
CA HIS A 41 0.64 6.56 -6.30
C HIS A 41 0.84 6.99 -7.74
N HIS A 42 1.04 8.29 -7.95
CA HIS A 42 1.24 8.85 -9.29
C HIS A 42 0.19 8.32 -10.27
N GLY A 43 -1.05 8.21 -9.80
CA GLY A 43 -2.12 7.73 -10.65
C GLY A 43 -2.24 6.21 -10.70
N ARG A 44 -1.23 5.52 -10.15
CA ARG A 44 -1.23 4.06 -10.13
C ARG A 44 -1.87 3.54 -8.85
N LEU A 45 -2.90 2.71 -8.98
CA LEU A 45 -3.58 2.17 -7.81
C LEU A 45 -3.08 0.76 -7.49
N GLY A 46 -2.75 0.54 -6.22
CA GLY A 46 -2.27 -0.76 -5.79
C GLY A 46 -2.75 -1.11 -4.40
N ILE A 47 -3.31 -2.30 -4.26
CA ILE A 47 -3.84 -2.75 -2.97
C ILE A 47 -3.07 -3.96 -2.45
N PHE A 48 -2.95 -4.03 -1.12
CA PHE A 48 -2.24 -5.13 -0.48
C PHE A 48 -2.65 -5.23 0.99
N PRO A 49 -2.46 -6.41 1.61
CA PRO A 49 -2.82 -6.62 3.01
C PRO A 49 -2.18 -5.58 3.93
N ALA A 50 -2.97 -5.08 4.88
CA ALA A 50 -2.50 -4.07 5.82
C ALA A 50 -1.44 -4.64 6.76
N ASN A 51 -1.29 -5.96 6.78
CA ASN A 51 -0.31 -6.61 7.64
C ASN A 51 1.06 -6.70 6.97
N TYR A 52 1.26 -5.97 5.89
CA TYR A 52 2.53 -5.98 5.17
C TYR A 52 3.07 -4.57 4.96
N VAL A 53 2.60 -3.63 5.78
CA VAL A 53 3.03 -2.24 5.68
C VAL A 53 2.86 -1.51 7.01
N GLU A 54 3.60 -0.41 7.17
CA GLU A 54 3.53 0.38 8.40
C GLU A 54 2.99 1.78 8.11
N VAL A 55 1.87 2.12 8.75
CA VAL A 55 1.25 3.42 8.57
C VAL A 55 2.05 4.51 9.28
N LEU A 56 2.51 5.49 8.51
CA LEU A 56 3.29 6.60 9.06
C LEU A 56 3.52 7.67 8.00
N PRO A 57 2.53 8.54 7.75
CA PRO A 57 2.63 9.62 6.77
C PRO A 57 3.90 10.44 6.95
N LEU A 58 4.79 10.36 5.97
CA LEU A 58 6.06 11.10 6.01
C LEU A 58 5.92 12.45 5.30
N GLU A 59 6.70 13.43 5.75
CA GLU A 59 6.66 14.76 5.14
C GLU A 59 8.06 15.36 5.09
N MET A 1 -1.42 13.88 3.77
CA MET A 1 -2.33 13.55 4.90
C MET A 1 -1.94 12.23 5.57
N LYS A 2 -1.98 11.15 4.80
CA LYS A 2 -1.62 9.84 5.32
C LYS A 2 -0.74 9.08 4.33
N ALA A 3 0.40 8.61 4.83
CA ALA A 3 1.34 7.86 3.99
C ALA A 3 1.99 6.73 4.77
N ALA A 4 2.40 5.68 4.06
CA ALA A 4 3.04 4.53 4.69
C ALA A 4 4.32 4.15 3.97
N ARG A 5 5.23 3.51 4.69
CA ARG A 5 6.50 3.08 4.12
C ARG A 5 6.47 1.59 3.78
N LEU A 6 6.68 1.27 2.52
CA LEU A 6 6.69 -0.12 2.06
C LEU A 6 8.02 -0.79 2.35
N LYS A 7 7.98 -2.03 2.80
CA LYS A 7 9.18 -2.78 3.12
C LYS A 7 8.96 -4.27 2.95
N PHE A 8 8.21 -4.65 1.92
CA PHE A 8 7.91 -6.06 1.65
C PHE A 8 7.76 -6.31 0.16
N ASP A 9 8.80 -6.84 -0.46
CA ASP A 9 8.78 -7.14 -1.88
C ASP A 9 7.75 -8.21 -2.20
N PHE A 10 6.48 -7.80 -2.30
CA PHE A 10 5.40 -8.72 -2.59
C PHE A 10 4.94 -8.59 -4.04
N GLN A 11 4.56 -9.71 -4.65
CA GLN A 11 4.10 -9.72 -6.03
C GLN A 11 2.58 -9.80 -6.10
N ALA A 12 1.99 -8.92 -6.90
CA ALA A 12 0.53 -8.89 -7.05
C ALA A 12 0.07 -9.83 -8.16
N GLN A 13 -0.96 -10.62 -7.87
CA GLN A 13 -1.49 -11.57 -8.84
C GLN A 13 -2.81 -11.07 -9.42
N SER A 14 -3.61 -10.42 -8.58
CA SER A 14 -4.91 -9.90 -9.01
C SER A 14 -4.76 -8.52 -9.65
N PRO A 15 -5.60 -8.19 -10.64
CA PRO A 15 -5.55 -6.90 -11.33
C PRO A 15 -5.67 -5.73 -10.35
N LYS A 16 -6.35 -5.96 -9.24
CA LYS A 16 -6.53 -4.93 -8.23
C LYS A 16 -5.28 -4.77 -7.36
N GLU A 17 -4.54 -5.87 -7.21
CA GLU A 17 -3.32 -5.86 -6.42
C GLU A 17 -2.17 -5.24 -7.19
N LEU A 18 -1.29 -4.55 -6.48
CA LEU A 18 -0.13 -3.90 -7.10
C LEU A 18 1.17 -4.39 -6.47
N THR A 19 2.17 -4.67 -7.31
CA THR A 19 3.46 -5.13 -6.83
C THR A 19 4.37 -3.96 -6.46
N LEU A 20 5.02 -4.05 -5.31
CA LEU A 20 5.92 -3.00 -4.85
C LEU A 20 7.10 -3.58 -4.07
N GLN A 21 8.17 -2.81 -3.96
CA GLN A 21 9.36 -3.25 -3.25
C GLN A 21 9.69 -2.29 -2.11
N LYS A 22 10.56 -2.72 -1.20
CA LYS A 22 10.96 -1.91 -0.07
C LYS A 22 11.46 -0.54 -0.51
N GLY A 23 11.13 0.48 0.25
CA GLY A 23 11.55 1.84 -0.08
C GLY A 23 10.51 2.60 -0.88
N ASP A 24 9.42 1.93 -1.26
CA ASP A 24 8.37 2.56 -2.04
C ASP A 24 7.36 3.26 -1.12
N ILE A 25 6.76 4.34 -1.62
CA ILE A 25 5.78 5.10 -0.86
C ILE A 25 4.40 5.01 -1.51
N VAL A 26 3.37 4.88 -0.69
CA VAL A 26 2.00 4.78 -1.20
C VAL A 26 1.06 5.70 -0.44
N TYR A 27 -0.06 6.05 -1.07
CA TYR A 27 -1.06 6.92 -0.46
C TYR A 27 -2.34 6.15 -0.17
N ILE A 28 -2.64 5.98 1.12
CA ILE A 28 -3.84 5.26 1.54
C ILE A 28 -5.07 6.14 1.48
N HIS A 29 -6.18 5.57 1.03
CA HIS A 29 -7.44 6.30 0.92
C HIS A 29 -8.42 5.81 1.98
N LYS A 30 -8.83 4.55 1.85
CA LYS A 30 -9.76 3.95 2.80
C LYS A 30 -9.05 2.90 3.65
N GLU A 31 -9.42 2.80 4.92
CA GLU A 31 -8.81 1.83 5.82
C GLU A 31 -9.73 0.67 6.11
N VAL A 32 -9.44 -0.47 5.49
CA VAL A 32 -10.23 -1.66 5.70
C VAL A 32 -9.61 -2.50 6.82
N ASP A 33 -10.12 -2.30 8.01
CA ASP A 33 -9.62 -3.00 9.20
C ASP A 33 -9.82 -4.51 9.09
N LYS A 34 -10.65 -4.96 8.13
CA LYS A 34 -10.90 -6.38 7.95
C LYS A 34 -9.59 -7.15 7.88
N ASN A 35 -8.69 -6.71 6.99
CA ASN A 35 -7.38 -7.33 6.81
C ASN A 35 -6.75 -6.97 5.45
N TRP A 36 -7.09 -5.80 4.93
CA TRP A 36 -6.54 -5.36 3.65
C TRP A 36 -6.65 -3.85 3.48
N LEU A 37 -5.51 -3.18 3.40
CA LEU A 37 -5.47 -1.74 3.24
C LEU A 37 -5.42 -1.35 1.77
N GLU A 38 -5.93 -0.17 1.45
CA GLU A 38 -5.95 0.31 0.06
C GLU A 38 -5.00 1.50 -0.10
N GLY A 39 -4.41 1.61 -1.28
CA GLY A 39 -3.49 2.70 -1.56
C GLY A 39 -3.24 2.90 -3.04
N GLU A 40 -2.45 3.92 -3.37
CA GLU A 40 -2.14 4.22 -4.77
C GLU A 40 -0.71 4.76 -4.90
N HIS A 41 -0.20 4.77 -6.13
CA HIS A 41 1.16 5.26 -6.37
C HIS A 41 1.27 5.86 -7.78
N HIS A 42 1.73 7.10 -7.83
CA HIS A 42 1.90 7.80 -9.11
C HIS A 42 0.60 7.81 -9.92
N GLY A 43 -0.52 7.97 -9.23
CA GLY A 43 -1.81 7.99 -9.90
C GLY A 43 -2.39 6.61 -10.12
N ARG A 44 -1.58 5.58 -9.89
CA ARG A 44 -2.03 4.20 -10.07
C ARG A 44 -2.57 3.63 -8.75
N LEU A 45 -3.43 2.63 -8.86
CA LEU A 45 -4.02 2.01 -7.68
C LEU A 45 -3.28 0.75 -7.28
N GLY A 46 -2.89 0.68 -6.01
CA GLY A 46 -2.18 -0.48 -5.51
C GLY A 46 -2.60 -0.85 -4.11
N ILE A 47 -3.19 -2.03 -3.97
CA ILE A 47 -3.66 -2.50 -2.67
C ILE A 47 -2.91 -3.75 -2.21
N PHE A 48 -2.73 -3.87 -0.90
CA PHE A 48 -2.04 -5.00 -0.31
C PHE A 48 -2.42 -5.14 1.16
N PRO A 49 -2.33 -6.36 1.72
CA PRO A 49 -2.68 -6.61 3.12
C PRO A 49 -1.94 -5.68 4.08
N ALA A 50 -2.67 -5.12 5.04
CA ALA A 50 -2.09 -4.20 6.02
C ALA A 50 -1.06 -4.91 6.90
N ASN A 51 -1.06 -6.24 6.89
CA ASN A 51 -0.13 -7.01 7.69
C ASN A 51 1.31 -6.83 7.21
N TYR A 52 1.47 -6.25 6.03
CA TYR A 52 2.80 -6.03 5.47
C TYR A 52 3.00 -4.57 5.08
N VAL A 53 2.75 -3.67 6.03
CA VAL A 53 2.91 -2.23 5.78
C VAL A 53 3.32 -1.50 7.05
N GLU A 54 3.89 -0.31 6.89
CA GLU A 54 4.33 0.50 8.02
C GLU A 54 3.61 1.85 8.03
N VAL A 55 2.89 2.13 9.11
CA VAL A 55 2.16 3.38 9.24
C VAL A 55 3.07 4.49 9.77
N LEU A 56 3.25 5.53 8.95
CA LEU A 56 4.10 6.66 9.34
C LEU A 56 4.02 7.77 8.30
N PRO A 57 2.87 8.48 8.24
CA PRO A 57 2.68 9.57 7.28
C PRO A 57 3.76 10.63 7.39
N LEU A 58 4.18 11.18 6.25
CA LEU A 58 5.21 12.20 6.22
C LEU A 58 4.71 13.48 5.54
N GLU A 59 3.40 13.69 5.60
CA GLU A 59 2.80 14.87 4.99
C GLU A 59 3.21 15.02 3.53
N MET A 1 -3.64 13.20 3.86
CA MET A 1 -3.57 12.10 2.87
C MET A 1 -3.08 10.81 3.51
N LYS A 2 -2.28 10.95 4.57
CA LYS A 2 -1.74 9.78 5.28
C LYS A 2 -0.87 8.94 4.35
N ALA A 3 0.42 8.86 4.67
CA ALA A 3 1.35 8.09 3.87
C ALA A 3 1.98 6.96 4.69
N ALA A 4 2.37 5.88 4.02
CA ALA A 4 2.98 4.75 4.68
C ALA A 4 4.24 4.29 3.95
N ARG A 5 5.24 3.87 4.72
CA ARG A 5 6.50 3.42 4.15
C ARG A 5 6.56 1.89 4.13
N LEU A 6 6.50 1.32 2.93
CA LEU A 6 6.55 -0.12 2.77
C LEU A 6 7.95 -0.65 3.06
N LYS A 7 8.02 -1.85 3.64
CA LYS A 7 9.31 -2.46 3.96
C LYS A 7 9.24 -3.98 3.81
N PHE A 8 8.26 -4.46 3.06
CA PHE A 8 8.11 -5.90 2.84
C PHE A 8 7.72 -6.19 1.39
N ASP A 9 8.72 -6.38 0.54
CA ASP A 9 8.48 -6.66 -0.87
C ASP A 9 7.42 -7.74 -1.05
N PHE A 10 6.22 -7.33 -1.48
CA PHE A 10 5.13 -8.26 -1.68
C PHE A 10 4.81 -8.40 -3.17
N GLN A 11 4.44 -9.62 -3.58
CA GLN A 11 4.11 -9.88 -4.97
C GLN A 11 2.60 -9.89 -5.19
N ALA A 12 2.15 -9.28 -6.28
CA ALA A 12 0.73 -9.21 -6.60
C ALA A 12 0.22 -10.57 -7.08
N GLN A 13 -0.94 -10.97 -6.57
CA GLN A 13 -1.54 -12.25 -6.94
C GLN A 13 -2.56 -12.05 -8.06
N SER A 14 -3.35 -10.99 -7.96
CA SER A 14 -4.36 -10.69 -8.96
C SER A 14 -4.04 -9.39 -9.70
N PRO A 15 -4.44 -9.30 -10.99
CA PRO A 15 -4.19 -8.11 -11.81
C PRO A 15 -4.75 -6.84 -11.17
N LYS A 16 -5.75 -7.00 -10.29
CA LYS A 16 -6.36 -5.86 -9.62
C LYS A 16 -5.43 -5.30 -8.56
N GLU A 17 -4.59 -6.15 -8.00
CA GLU A 17 -3.64 -5.73 -6.97
C GLU A 17 -2.40 -5.11 -7.60
N LEU A 18 -1.51 -4.60 -6.75
CA LEU A 18 -0.28 -3.97 -7.22
C LEU A 18 0.94 -4.51 -6.47
N THR A 19 2.01 -4.80 -7.20
CA THR A 19 3.22 -5.32 -6.60
C THR A 19 4.14 -4.19 -6.17
N LEU A 20 4.50 -4.17 -4.89
CA LEU A 20 5.37 -3.14 -4.35
C LEU A 20 6.59 -3.78 -3.67
N GLN A 21 7.68 -3.02 -3.59
CA GLN A 21 8.90 -3.52 -2.97
C GLN A 21 9.23 -2.75 -1.69
N LYS A 22 9.98 -3.38 -0.81
CA LYS A 22 10.38 -2.78 0.46
C LYS A 22 11.12 -1.46 0.21
N GLY A 23 10.75 -0.43 0.97
CA GLY A 23 11.38 0.87 0.82
C GLY A 23 10.57 1.83 -0.02
N ASP A 24 9.47 1.36 -0.60
CA ASP A 24 8.62 2.20 -1.43
C ASP A 24 7.53 2.87 -0.59
N ILE A 25 7.19 4.10 -0.96
CA ILE A 25 6.16 4.85 -0.26
C ILE A 25 4.95 5.11 -1.16
N VAL A 26 3.75 4.95 -0.61
CA VAL A 26 2.53 5.16 -1.37
C VAL A 26 1.49 5.92 -0.56
N TYR A 27 0.54 6.52 -1.26
CA TYR A 27 -0.53 7.28 -0.61
C TYR A 27 -1.81 6.46 -0.53
N ILE A 28 -2.20 6.09 0.69
CA ILE A 28 -3.40 5.31 0.91
C ILE A 28 -4.64 6.20 0.90
N HIS A 29 -5.69 5.73 0.24
CA HIS A 29 -6.94 6.49 0.17
C HIS A 29 -7.92 6.02 1.24
N LYS A 30 -8.33 4.76 1.15
CA LYS A 30 -9.26 4.19 2.12
C LYS A 30 -8.56 3.11 2.96
N GLU A 31 -9.04 2.93 4.18
CA GLU A 31 -8.45 1.94 5.09
C GLU A 31 -9.43 0.82 5.38
N VAL A 32 -9.19 -0.35 4.79
CA VAL A 32 -10.04 -1.51 5.01
C VAL A 32 -9.47 -2.37 6.11
N ASP A 33 -9.94 -2.11 7.32
CA ASP A 33 -9.50 -2.84 8.50
C ASP A 33 -9.82 -4.33 8.42
N LYS A 34 -10.68 -4.72 7.48
CA LYS A 34 -11.05 -6.12 7.30
C LYS A 34 -9.82 -7.00 7.27
N ASN A 35 -8.88 -6.66 6.38
CA ASN A 35 -7.62 -7.41 6.24
C ASN A 35 -6.90 -7.09 4.92
N TRP A 36 -7.17 -5.93 4.34
CA TRP A 36 -6.52 -5.54 3.09
C TRP A 36 -6.60 -4.03 2.88
N LEU A 37 -5.45 -3.37 2.89
CA LEU A 37 -5.39 -1.93 2.70
C LEU A 37 -5.33 -1.58 1.21
N GLU A 38 -5.84 -0.39 0.88
CA GLU A 38 -5.83 0.07 -0.51
C GLU A 38 -4.93 1.28 -0.67
N GLY A 39 -4.07 1.26 -1.68
CA GLY A 39 -3.18 2.37 -1.92
C GLY A 39 -3.33 2.96 -3.31
N GLU A 40 -2.94 4.22 -3.46
CA GLU A 40 -3.02 4.91 -4.75
C GLU A 40 -1.81 5.78 -4.97
N HIS A 41 -1.36 5.88 -6.22
CA HIS A 41 -0.19 6.69 -6.55
C HIS A 41 -0.33 7.33 -7.93
N HIS A 42 -0.21 8.65 -7.97
CA HIS A 42 -0.31 9.39 -9.23
C HIS A 42 -1.59 9.03 -9.98
N GLY A 43 -2.67 8.82 -9.24
CA GLY A 43 -3.94 8.48 -9.85
C GLY A 43 -4.07 6.99 -10.13
N ARG A 44 -2.97 6.26 -10.00
CA ARG A 44 -2.99 4.82 -10.24
C ARG A 44 -3.48 4.07 -9.01
N LEU A 45 -4.01 2.87 -9.22
CA LEU A 45 -4.51 2.05 -8.13
C LEU A 45 -3.48 1.02 -7.69
N GLY A 46 -3.21 0.97 -6.39
CA GLY A 46 -2.25 0.02 -5.86
C GLY A 46 -2.63 -0.49 -4.49
N ILE A 47 -3.08 -1.73 -4.43
CA ILE A 47 -3.50 -2.32 -3.17
C ILE A 47 -2.57 -3.45 -2.74
N PHE A 48 -2.40 -3.60 -1.43
CA PHE A 48 -1.54 -4.62 -0.87
C PHE A 48 -1.94 -4.94 0.57
N PRO A 49 -1.53 -6.12 1.08
CA PRO A 49 -1.86 -6.54 2.46
C PRO A 49 -1.45 -5.49 3.48
N ALA A 50 -2.35 -5.20 4.41
CA ALA A 50 -2.10 -4.21 5.45
C ALA A 50 -1.00 -4.68 6.41
N ASN A 51 -0.88 -6.00 6.56
CA ASN A 51 0.13 -6.57 7.44
C ASN A 51 1.53 -6.37 6.88
N TYR A 52 1.63 -6.19 5.57
CA TYR A 52 2.92 -6.00 4.92
C TYR A 52 3.17 -4.51 4.66
N VAL A 53 2.77 -3.67 5.60
CA VAL A 53 2.97 -2.23 5.48
C VAL A 53 3.02 -1.56 6.86
N GLU A 54 3.73 -0.44 6.93
CA GLU A 54 3.86 0.30 8.19
C GLU A 54 3.28 1.70 8.05
N VAL A 55 2.31 2.01 8.88
CA VAL A 55 1.67 3.32 8.86
C VAL A 55 2.54 4.37 9.53
N LEU A 56 2.91 5.39 8.77
CA LEU A 56 3.75 6.47 9.30
C LEU A 56 3.94 7.57 8.26
N PRO A 57 2.93 8.45 8.10
CA PRO A 57 3.00 9.55 7.14
C PRO A 57 4.27 10.37 7.27
N LEU A 58 4.78 10.86 6.14
CA LEU A 58 6.01 11.66 6.13
C LEU A 58 5.79 12.96 5.36
N GLU A 59 4.57 13.49 5.44
CA GLU A 59 4.23 14.73 4.75
C GLU A 59 5.11 15.87 5.25
N MET A 1 -4.29 12.43 2.32
CA MET A 1 -3.30 12.94 3.30
C MET A 1 -2.64 11.80 4.07
N LYS A 2 -2.32 10.72 3.36
CA LYS A 2 -1.70 9.56 3.97
C LYS A 2 -0.40 9.20 3.25
N ALA A 3 0.58 8.72 4.01
CA ALA A 3 1.86 8.34 3.45
C ALA A 3 2.51 7.22 4.25
N ALA A 4 2.71 6.07 3.60
CA ALA A 4 3.31 4.91 4.25
C ALA A 4 4.38 4.28 3.38
N ARG A 5 5.39 3.69 4.00
CA ARG A 5 6.48 3.04 3.28
C ARG A 5 6.42 1.53 3.45
N LEU A 6 6.51 0.80 2.35
CA LEU A 6 6.48 -0.66 2.38
C LEU A 6 7.68 -1.22 3.14
N LYS A 7 7.47 -2.33 3.83
CA LYS A 7 8.53 -2.97 4.60
C LYS A 7 8.84 -4.38 4.06
N PHE A 8 7.97 -4.89 3.22
CA PHE A 8 8.17 -6.23 2.65
C PHE A 8 7.62 -6.30 1.23
N ASP A 9 8.42 -6.85 0.31
CA ASP A 9 8.01 -6.97 -1.08
C ASP A 9 6.78 -7.86 -1.21
N PHE A 10 5.68 -7.29 -1.69
CA PHE A 10 4.44 -8.03 -1.86
C PHE A 10 4.19 -8.35 -3.32
N GLN A 11 3.91 -9.62 -3.60
CA GLN A 11 3.67 -10.07 -4.97
C GLN A 11 2.17 -10.05 -5.28
N ALA A 12 1.74 -9.09 -6.09
CA ALA A 12 0.35 -8.96 -6.47
C ALA A 12 -0.09 -10.10 -7.37
N GLN A 13 -1.18 -10.76 -7.02
CA GLN A 13 -1.70 -11.87 -7.80
C GLN A 13 -2.92 -11.45 -8.60
N SER A 14 -3.71 -10.53 -8.04
CA SER A 14 -4.91 -10.04 -8.71
C SER A 14 -4.59 -8.83 -9.58
N PRO A 15 -5.30 -8.67 -10.71
CA PRO A 15 -5.09 -7.55 -11.63
C PRO A 15 -5.22 -6.20 -10.94
N LYS A 16 -6.01 -6.16 -9.88
CA LYS A 16 -6.23 -4.93 -9.12
C LYS A 16 -5.08 -4.69 -8.15
N GLU A 17 -4.46 -5.76 -7.69
CA GLU A 17 -3.34 -5.67 -6.75
C GLU A 17 -2.10 -5.12 -7.45
N LEU A 18 -1.17 -4.59 -6.66
CA LEU A 18 0.07 -4.03 -7.20
C LEU A 18 1.28 -4.57 -6.46
N THR A 19 2.32 -4.94 -7.21
CA THR A 19 3.55 -5.47 -6.61
C THR A 19 4.57 -4.36 -6.43
N LEU A 20 5.10 -4.24 -5.22
CA LEU A 20 6.10 -3.23 -4.91
C LEU A 20 7.10 -3.73 -3.88
N GLN A 21 8.36 -3.30 -4.02
CA GLN A 21 9.42 -3.71 -3.11
C GLN A 21 9.53 -2.72 -1.94
N LYS A 22 10.23 -3.14 -0.89
CA LYS A 22 10.44 -2.30 0.29
C LYS A 22 10.96 -0.92 -0.11
N GLY A 23 10.64 0.08 0.72
CA GLY A 23 11.09 1.43 0.45
C GLY A 23 10.11 2.21 -0.41
N ASP A 24 9.15 1.52 -1.01
CA ASP A 24 8.15 2.16 -1.86
C ASP A 24 7.07 2.83 -1.02
N ILE A 25 6.76 4.08 -1.33
CA ILE A 25 5.74 4.82 -0.60
C ILE A 25 4.55 5.14 -1.49
N VAL A 26 3.34 4.93 -0.97
CA VAL A 26 2.14 5.20 -1.73
C VAL A 26 1.09 5.90 -0.86
N TYR A 27 0.17 6.61 -1.51
CA TYR A 27 -0.88 7.33 -0.80
C TYR A 27 -2.01 6.38 -0.41
N ILE A 28 -2.31 6.33 0.88
CA ILE A 28 -3.36 5.46 1.39
C ILE A 28 -4.74 6.10 1.22
N HIS A 29 -5.71 5.29 0.82
CA HIS A 29 -7.07 5.78 0.63
C HIS A 29 -7.96 5.40 1.81
N LYS A 30 -7.85 4.15 2.25
CA LYS A 30 -8.64 3.68 3.38
C LYS A 30 -7.97 2.46 4.01
N GLU A 31 -8.07 2.36 5.34
CA GLU A 31 -7.46 1.26 6.07
C GLU A 31 -8.47 0.19 6.44
N VAL A 32 -8.46 -0.89 5.66
CA VAL A 32 -9.35 -2.00 5.94
C VAL A 32 -8.72 -2.88 7.01
N ASP A 33 -9.19 -2.71 8.22
CA ASP A 33 -8.68 -3.46 9.36
C ASP A 33 -8.89 -4.96 9.17
N LYS A 34 -9.74 -5.33 8.23
CA LYS A 34 -9.99 -6.74 7.96
C LYS A 34 -8.70 -7.44 7.57
N ASN A 35 -8.00 -6.87 6.58
CA ASN A 35 -6.73 -7.43 6.12
C ASN A 35 -6.26 -6.78 4.80
N TRP A 36 -6.66 -5.54 4.56
CA TRP A 36 -6.28 -4.85 3.33
C TRP A 36 -6.39 -3.33 3.47
N LEU A 37 -5.94 -2.62 2.44
CA LEU A 37 -5.99 -1.16 2.42
C LEU A 37 -5.85 -0.66 0.99
N GLU A 38 -6.20 0.61 0.75
CA GLU A 38 -6.10 1.19 -0.59
C GLU A 38 -4.84 2.04 -0.72
N GLY A 39 -4.13 1.86 -1.82
CA GLY A 39 -2.92 2.61 -2.06
C GLY A 39 -2.81 3.09 -3.50
N GLU A 40 -2.65 4.40 -3.68
CA GLU A 40 -2.54 4.98 -5.01
C GLU A 40 -1.27 5.82 -5.12
N HIS A 41 -0.68 5.80 -6.31
CA HIS A 41 0.55 6.56 -6.56
C HIS A 41 0.63 7.01 -8.01
N HIS A 42 0.78 8.32 -8.21
CA HIS A 42 0.89 8.89 -9.55
C HIS A 42 -0.32 8.50 -10.41
N GLY A 43 -1.50 8.46 -9.78
CA GLY A 43 -2.71 8.11 -10.50
C GLY A 43 -2.86 6.62 -10.70
N ARG A 44 -1.89 5.84 -10.21
CA ARG A 44 -1.94 4.39 -10.34
C ARG A 44 -2.58 3.75 -9.12
N LEU A 45 -3.27 2.65 -9.33
CA LEU A 45 -3.95 1.95 -8.24
C LEU A 45 -3.10 0.78 -7.74
N GLY A 46 -2.92 0.70 -6.43
CA GLY A 46 -2.14 -0.37 -5.84
C GLY A 46 -2.60 -0.72 -4.44
N ILE A 47 -3.20 -1.89 -4.30
CA ILE A 47 -3.70 -2.34 -3.01
C ILE A 47 -2.82 -3.45 -2.43
N PHE A 48 -2.72 -3.49 -1.11
CA PHE A 48 -1.91 -4.50 -0.43
C PHE A 48 -2.34 -4.64 1.03
N PRO A 49 -2.06 -5.81 1.64
CA PRO A 49 -2.41 -6.07 3.04
C PRO A 49 -1.77 -5.06 4.01
N ALA A 50 -2.52 -4.65 5.02
CA ALA A 50 -2.02 -3.70 6.00
C ALA A 50 -0.91 -4.31 6.84
N ASN A 51 -0.88 -5.63 6.92
CA ASN A 51 0.14 -6.33 7.70
C ASN A 51 1.50 -6.30 7.00
N TYR A 52 1.51 -5.84 5.75
CA TYR A 52 2.75 -5.78 4.98
C TYR A 52 3.38 -4.38 5.07
N VAL A 53 2.56 -3.37 5.24
CA VAL A 53 3.04 -1.99 5.35
C VAL A 53 2.56 -1.33 6.64
N GLU A 54 3.28 -0.31 7.08
CA GLU A 54 2.92 0.40 8.30
C GLU A 54 2.44 1.81 7.97
N VAL A 55 1.21 2.11 8.37
CA VAL A 55 0.62 3.43 8.12
C VAL A 55 1.16 4.47 9.09
N LEU A 56 1.84 5.47 8.54
CA LEU A 56 2.42 6.54 9.35
C LEU A 56 2.91 7.68 8.47
N PRO A 57 2.02 8.62 8.10
CA PRO A 57 2.38 9.76 7.25
C PRO A 57 3.60 10.52 7.79
N LEU A 58 4.70 10.43 7.05
CA LEU A 58 5.94 11.10 7.44
C LEU A 58 6.01 12.50 6.84
N GLU A 59 5.95 12.57 5.51
CA GLU A 59 6.01 13.85 4.81
C GLU A 59 4.69 14.61 4.94
N MET A 1 -5.53 12.92 5.56
CA MET A 1 -4.82 11.91 4.74
C MET A 1 -3.92 11.03 5.61
N LYS A 2 -3.49 9.90 5.06
CA LYS A 2 -2.62 8.98 5.79
C LYS A 2 -1.71 8.21 4.82
N ALA A 3 -0.42 8.46 4.93
CA ALA A 3 0.56 7.80 4.07
C ALA A 3 1.33 6.73 4.84
N ALA A 4 1.79 5.71 4.12
CA ALA A 4 2.54 4.62 4.73
C ALA A 4 3.75 4.23 3.88
N ARG A 5 4.80 3.75 4.53
CA ARG A 5 6.01 3.35 3.84
C ARG A 5 6.17 1.83 3.87
N LEU A 6 6.22 1.22 2.68
CA LEU A 6 6.37 -0.22 2.56
C LEU A 6 7.75 -0.67 3.01
N LYS A 7 7.83 -1.85 3.62
CA LYS A 7 9.09 -2.39 4.10
C LYS A 7 9.13 -3.91 3.93
N PHE A 8 8.37 -4.42 2.97
CA PHE A 8 8.32 -5.85 2.70
C PHE A 8 7.92 -6.13 1.26
N ASP A 9 8.80 -6.81 0.52
CA ASP A 9 8.54 -7.13 -0.88
C ASP A 9 7.27 -7.98 -1.01
N PHE A 10 6.27 -7.41 -1.68
CA PHE A 10 5.01 -8.11 -1.89
C PHE A 10 4.75 -8.34 -3.37
N GLN A 11 4.22 -9.51 -3.70
CA GLN A 11 3.93 -9.85 -5.09
C GLN A 11 2.41 -9.95 -5.31
N ALA A 12 1.92 -9.16 -6.26
CA ALA A 12 0.50 -9.15 -6.58
C ALA A 12 0.15 -10.26 -7.58
N GLN A 13 -0.95 -10.95 -7.32
CA GLN A 13 -1.39 -12.04 -8.20
C GLN A 13 -2.57 -11.59 -9.05
N SER A 14 -3.44 -10.78 -8.46
CA SER A 14 -4.62 -10.28 -9.17
C SER A 14 -4.32 -8.96 -9.88
N PRO A 15 -4.90 -8.76 -11.08
CA PRO A 15 -4.69 -7.53 -11.86
C PRO A 15 -5.02 -6.27 -11.06
N LYS A 16 -5.94 -6.41 -10.12
CA LYS A 16 -6.35 -5.27 -9.29
C LYS A 16 -5.27 -4.92 -8.28
N GLU A 17 -4.48 -5.92 -7.87
CA GLU A 17 -3.41 -5.72 -6.91
C GLU A 17 -2.17 -5.14 -7.60
N LEU A 18 -1.29 -4.54 -6.80
CA LEU A 18 -0.06 -3.95 -7.34
C LEU A 18 1.17 -4.55 -6.66
N THR A 19 2.17 -4.89 -7.46
CA THR A 19 3.41 -5.48 -6.94
C THR A 19 4.49 -4.40 -6.76
N LEU A 20 4.98 -4.28 -5.53
CA LEU A 20 6.02 -3.29 -5.24
C LEU A 20 6.97 -3.82 -4.15
N GLN A 21 8.26 -3.54 -4.32
CA GLN A 21 9.26 -3.99 -3.37
C GLN A 21 9.29 -3.07 -2.14
N LYS A 22 9.90 -3.56 -1.07
CA LYS A 22 10.00 -2.79 0.17
C LYS A 22 10.71 -1.47 -0.07
N GLY A 23 10.34 -0.46 0.72
CA GLY A 23 10.96 0.85 0.58
C GLY A 23 10.11 1.82 -0.24
N ASP A 24 9.07 1.30 -0.89
CA ASP A 24 8.20 2.12 -1.71
C ASP A 24 7.12 2.79 -0.85
N ILE A 25 6.87 4.07 -1.12
CA ILE A 25 5.87 4.81 -0.38
C ILE A 25 4.72 5.24 -1.28
N VAL A 26 3.49 4.94 -0.85
CA VAL A 26 2.30 5.28 -1.62
C VAL A 26 1.23 5.90 -0.73
N TYR A 27 0.33 6.67 -1.34
CA TYR A 27 -0.75 7.31 -0.61
C TYR A 27 -1.93 6.35 -0.44
N ILE A 28 -2.32 6.13 0.81
CA ILE A 28 -3.44 5.24 1.11
C ILE A 28 -4.78 5.96 0.94
N HIS A 29 -5.72 5.29 0.27
CA HIS A 29 -7.04 5.86 0.04
C HIS A 29 -8.02 5.41 1.12
N LYS A 30 -7.90 4.15 1.54
CA LYS A 30 -8.77 3.60 2.57
C LYS A 30 -7.99 2.64 3.47
N GLU A 31 -8.34 2.62 4.75
CA GLU A 31 -7.66 1.75 5.71
C GLU A 31 -8.58 0.69 6.26
N VAL A 32 -8.43 -0.52 5.74
CA VAL A 32 -9.22 -1.65 6.21
C VAL A 32 -8.44 -2.40 7.28
N ASP A 33 -8.78 -2.11 8.52
CA ASP A 33 -8.11 -2.73 9.66
C ASP A 33 -8.30 -4.25 9.65
N LYS A 34 -9.27 -4.72 8.88
CA LYS A 34 -9.53 -6.15 8.78
C LYS A 34 -8.28 -6.88 8.28
N ASN A 35 -7.76 -6.40 7.15
CA ASN A 35 -6.55 -6.99 6.55
C ASN A 35 -6.32 -6.47 5.13
N TRP A 36 -6.70 -5.21 4.87
CA TRP A 36 -6.52 -4.63 3.55
C TRP A 36 -6.54 -3.11 3.59
N LEU A 37 -6.14 -2.50 2.48
CA LEU A 37 -6.11 -1.04 2.34
C LEU A 37 -6.00 -0.65 0.87
N GLU A 38 -6.34 0.59 0.54
CA GLU A 38 -6.25 1.06 -0.84
C GLU A 38 -5.08 2.00 -1.03
N GLY A 39 -4.34 1.80 -2.12
CA GLY A 39 -3.19 2.65 -2.40
C GLY A 39 -3.17 3.15 -3.82
N GLU A 40 -2.58 4.33 -4.03
CA GLU A 40 -2.49 4.93 -5.36
C GLU A 40 -1.26 5.80 -5.47
N HIS A 41 -0.64 5.81 -6.64
CA HIS A 41 0.56 6.61 -6.87
C HIS A 41 0.68 7.06 -8.33
N HIS A 42 0.91 8.35 -8.52
CA HIS A 42 1.06 8.93 -9.86
C HIS A 42 -0.07 8.47 -10.79
N GLY A 43 -1.28 8.38 -10.25
CA GLY A 43 -2.41 7.96 -11.05
C GLY A 43 -2.57 6.44 -11.11
N ARG A 44 -1.56 5.72 -10.64
CA ARG A 44 -1.61 4.25 -10.65
C ARG A 44 -2.33 3.74 -9.42
N LEU A 45 -3.18 2.73 -9.61
CA LEU A 45 -3.92 2.13 -8.51
C LEU A 45 -3.24 0.86 -8.01
N GLY A 46 -3.02 0.81 -6.70
CA GLY A 46 -2.37 -0.35 -6.10
C GLY A 46 -2.89 -0.65 -4.71
N ILE A 47 -3.33 -1.88 -4.50
CA ILE A 47 -3.87 -2.31 -3.21
C ILE A 47 -3.02 -3.44 -2.62
N PHE A 48 -2.93 -3.46 -1.29
CA PHE A 48 -2.16 -4.47 -0.60
C PHE A 48 -2.62 -4.61 0.86
N PRO A 49 -2.34 -5.77 1.49
CA PRO A 49 -2.73 -6.01 2.89
C PRO A 49 -1.97 -5.12 3.86
N ALA A 50 -2.69 -4.58 4.84
CA ALA A 50 -2.08 -3.71 5.85
C ALA A 50 -1.10 -4.48 6.73
N ASN A 51 -1.18 -5.81 6.71
CA ASN A 51 -0.30 -6.63 7.52
C ASN A 51 1.13 -6.58 7.01
N TYR A 52 1.31 -6.13 5.77
CA TYR A 52 2.65 -6.05 5.18
C TYR A 52 3.07 -4.59 4.98
N VAL A 53 2.57 -3.71 5.86
CA VAL A 53 2.91 -2.29 5.78
C VAL A 53 2.77 -1.61 7.13
N GLU A 54 3.55 -0.56 7.35
CA GLU A 54 3.51 0.18 8.60
C GLU A 54 2.95 1.58 8.40
N VAL A 55 1.93 1.92 9.18
CA VAL A 55 1.30 3.23 9.09
C VAL A 55 2.19 4.31 9.68
N LEU A 56 2.55 5.29 8.85
CA LEU A 56 3.40 6.39 9.29
C LEU A 56 3.46 7.49 8.23
N PRO A 57 2.41 8.31 8.14
CA PRO A 57 2.34 9.41 7.16
C PRO A 57 3.57 10.30 7.21
N LEU A 58 4.39 10.23 6.16
CA LEU A 58 5.61 11.04 6.09
C LEU A 58 5.38 12.29 5.26
N GLU A 59 6.35 13.19 5.26
CA GLU A 59 6.26 14.43 4.53
C GLU A 59 5.08 15.27 4.99
N MET A 1 -5.42 12.13 3.39
CA MET A 1 -4.02 12.12 2.88
C MET A 1 -3.10 11.38 3.83
N LYS A 2 -2.86 10.10 3.53
CA LYS A 2 -1.99 9.27 4.35
C LYS A 2 -0.92 8.58 3.50
N ALA A 3 0.31 8.58 4.01
CA ALA A 3 1.42 7.95 3.30
C ALA A 3 1.92 6.72 4.04
N ALA A 4 2.49 5.78 3.29
CA ALA A 4 3.02 4.56 3.88
C ALA A 4 4.20 4.03 3.08
N ARG A 5 5.27 3.67 3.78
CA ARG A 5 6.48 3.16 3.13
C ARG A 5 6.54 1.64 3.25
N LEU A 6 6.65 0.95 2.13
CA LEU A 6 6.73 -0.51 2.12
C LEU A 6 7.97 -1.00 2.86
N LYS A 7 7.81 -2.07 3.61
CA LYS A 7 8.93 -2.65 4.37
C LYS A 7 9.31 -4.03 3.84
N PHE A 8 8.41 -4.63 3.05
CA PHE A 8 8.67 -5.94 2.49
C PHE A 8 8.08 -6.07 1.09
N ASP A 9 8.93 -6.30 0.11
CA ASP A 9 8.49 -6.44 -1.28
C ASP A 9 7.47 -7.56 -1.42
N PHE A 10 6.35 -7.28 -2.08
CA PHE A 10 5.30 -8.27 -2.29
C PHE A 10 4.87 -8.32 -3.75
N GLN A 11 4.66 -9.53 -4.26
CA GLN A 11 4.25 -9.72 -5.63
C GLN A 11 2.73 -9.83 -5.74
N ALA A 12 2.10 -8.80 -6.30
CA ALA A 12 0.66 -8.79 -6.46
C ALA A 12 0.19 -9.96 -7.31
N GLN A 13 -0.70 -10.78 -6.73
CA GLN A 13 -1.23 -11.95 -7.44
C GLN A 13 -2.49 -11.58 -8.21
N SER A 14 -3.31 -10.71 -7.62
CA SER A 14 -4.56 -10.28 -8.26
C SER A 14 -4.30 -9.11 -9.20
N PRO A 15 -5.01 -9.06 -10.34
CA PRO A 15 -4.87 -7.99 -11.33
C PRO A 15 -5.10 -6.61 -10.72
N LYS A 16 -5.91 -6.56 -9.66
CA LYS A 16 -6.20 -5.30 -8.98
C LYS A 16 -5.06 -4.90 -8.05
N GLU A 17 -4.34 -5.89 -7.53
CA GLU A 17 -3.22 -5.64 -6.63
C GLU A 17 -2.03 -5.06 -7.40
N LEU A 18 -1.10 -4.46 -6.67
CA LEU A 18 0.09 -3.87 -7.27
C LEU A 18 1.36 -4.35 -6.59
N THR A 19 2.36 -4.70 -7.39
CA THR A 19 3.63 -5.18 -6.85
C THR A 19 4.58 -4.00 -6.59
N LEU A 20 5.17 -3.98 -5.39
CA LEU A 20 6.09 -2.91 -5.02
C LEU A 20 7.19 -3.44 -4.11
N GLN A 21 8.40 -2.91 -4.29
CA GLN A 21 9.54 -3.32 -3.49
C GLN A 21 9.69 -2.44 -2.25
N LYS A 22 10.49 -2.90 -1.30
CA LYS A 22 10.70 -2.16 -0.06
C LYS A 22 11.14 -0.73 -0.35
N GLY A 23 10.59 0.21 0.40
CA GLY A 23 10.94 1.61 0.21
C GLY A 23 9.92 2.37 -0.62
N ASP A 24 9.01 1.64 -1.25
CA ASP A 24 7.97 2.24 -2.08
C ASP A 24 6.94 2.97 -1.22
N ILE A 25 6.61 4.20 -1.60
CA ILE A 25 5.64 5.00 -0.87
C ILE A 25 4.40 5.26 -1.72
N VAL A 26 3.23 5.07 -1.13
CA VAL A 26 1.97 5.30 -1.83
C VAL A 26 0.97 6.04 -0.95
N TYR A 27 0.17 6.91 -1.57
CA TYR A 27 -0.83 7.68 -0.84
C TYR A 27 -2.08 6.84 -0.60
N ILE A 28 -2.31 6.47 0.65
CA ILE A 28 -3.47 5.67 1.01
C ILE A 28 -4.72 6.52 1.15
N HIS A 29 -5.78 6.14 0.46
CA HIS A 29 -7.04 6.88 0.52
C HIS A 29 -7.88 6.41 1.70
N LYS A 30 -8.32 5.15 1.65
CA LYS A 30 -9.13 4.58 2.71
C LYS A 30 -8.33 3.52 3.47
N GLU A 31 -8.58 3.40 4.77
CA GLU A 31 -7.87 2.43 5.59
C GLU A 31 -8.82 1.37 6.14
N VAL A 32 -8.79 0.20 5.52
CA VAL A 32 -9.62 -0.91 5.95
C VAL A 32 -8.85 -1.79 6.91
N ASP A 33 -9.04 -1.54 8.19
CA ASP A 33 -8.36 -2.27 9.24
C ASP A 33 -8.74 -3.76 9.24
N LYS A 34 -9.81 -4.10 8.52
CA LYS A 34 -10.25 -5.49 8.44
C LYS A 34 -9.09 -6.41 8.09
N ASN A 35 -8.38 -6.07 7.01
CA ASN A 35 -7.22 -6.85 6.55
C ASN A 35 -6.83 -6.52 5.11
N TRP A 36 -7.16 -5.32 4.64
CA TRP A 36 -6.82 -4.92 3.28
C TRP A 36 -6.82 -3.40 3.12
N LEU A 37 -5.65 -2.84 2.84
CA LEU A 37 -5.51 -1.41 2.67
C LEU A 37 -5.56 -1.03 1.19
N GLU A 38 -6.13 0.13 0.89
CA GLU A 38 -6.22 0.60 -0.48
C GLU A 38 -5.29 1.79 -0.73
N GLY A 39 -4.61 1.78 -1.85
CA GLY A 39 -3.68 2.86 -2.18
C GLY A 39 -3.46 3.00 -3.67
N GLU A 40 -2.70 4.02 -4.05
CA GLU A 40 -2.39 4.26 -5.46
C GLU A 40 -0.98 4.79 -5.63
N HIS A 41 -0.49 4.77 -6.86
CA HIS A 41 0.85 5.26 -7.16
C HIS A 41 0.90 5.90 -8.55
N HIS A 42 1.36 7.14 -8.61
CA HIS A 42 1.47 7.88 -9.86
C HIS A 42 0.18 7.76 -10.68
N GLY A 43 -0.95 7.86 -10.02
CA GLY A 43 -2.23 7.78 -10.70
C GLY A 43 -2.73 6.35 -10.87
N ARG A 44 -1.87 5.38 -10.58
CA ARG A 44 -2.24 3.98 -10.70
C ARG A 44 -2.79 3.45 -9.39
N LEU A 45 -3.60 2.41 -9.46
CA LEU A 45 -4.20 1.82 -8.27
C LEU A 45 -3.40 0.60 -7.81
N GLY A 46 -3.04 0.59 -6.53
CA GLY A 46 -2.28 -0.52 -5.98
C GLY A 46 -2.71 -0.86 -4.57
N ILE A 47 -3.31 -2.03 -4.40
CA ILE A 47 -3.77 -2.46 -3.09
C ILE A 47 -3.03 -3.68 -2.59
N PHE A 48 -2.84 -3.77 -1.28
CA PHE A 48 -2.15 -4.88 -0.65
C PHE A 48 -2.50 -4.97 0.83
N PRO A 49 -2.45 -6.17 1.42
CA PRO A 49 -2.78 -6.36 2.83
C PRO A 49 -1.97 -5.44 3.74
N ALA A 50 -2.65 -4.80 4.69
CA ALA A 50 -2.00 -3.89 5.62
C ALA A 50 -1.05 -4.63 6.55
N ASN A 51 -1.26 -5.94 6.71
CA ASN A 51 -0.42 -6.75 7.58
C ASN A 51 1.01 -6.83 7.07
N TYR A 52 1.22 -6.45 5.81
CA TYR A 52 2.55 -6.49 5.20
C TYR A 52 3.09 -5.09 4.96
N VAL A 53 2.62 -4.11 5.75
CA VAL A 53 3.09 -2.74 5.61
C VAL A 53 2.92 -1.97 6.92
N GLU A 54 3.54 -0.80 7.00
CA GLU A 54 3.46 0.04 8.18
C GLU A 54 2.75 1.36 7.84
N VAL A 55 1.65 1.62 8.53
CA VAL A 55 0.88 2.84 8.29
C VAL A 55 1.41 3.98 9.14
N LEU A 56 1.94 5.02 8.48
CA LEU A 56 2.48 6.17 9.18
C LEU A 56 2.83 7.29 8.21
N PRO A 57 1.85 8.16 7.88
CA PRO A 57 2.06 9.28 6.96
C PRO A 57 3.28 10.13 7.34
N LEU A 58 3.87 10.78 6.34
CA LEU A 58 5.04 11.62 6.57
C LEU A 58 4.66 13.09 6.52
N GLU A 59 4.04 13.59 7.58
CA GLU A 59 3.63 14.98 7.65
C GLU A 59 4.71 15.84 8.30
N MET A 1 -0.81 13.71 2.27
CA MET A 1 -1.87 13.43 3.29
C MET A 1 -2.00 11.93 3.55
N LYS A 2 -1.60 11.52 4.75
CA LYS A 2 -1.68 10.11 5.12
C LYS A 2 -0.81 9.25 4.20
N ALA A 3 0.43 9.03 4.60
CA ALA A 3 1.36 8.22 3.82
C ALA A 3 1.84 7.00 4.61
N ALA A 4 2.18 5.94 3.88
CA ALA A 4 2.65 4.71 4.51
C ALA A 4 3.90 4.19 3.81
N ARG A 5 4.86 3.72 4.61
CA ARG A 5 6.10 3.18 4.07
C ARG A 5 6.13 1.66 4.17
N LEU A 6 6.50 1.01 3.07
CA LEU A 6 6.57 -0.45 3.04
C LEU A 6 7.79 -0.96 3.79
N LYS A 7 7.66 -2.15 4.38
CA LYS A 7 8.75 -2.75 5.14
C LYS A 7 9.04 -4.17 4.65
N PHE A 8 8.48 -4.53 3.50
CA PHE A 8 8.69 -5.85 2.92
C PHE A 8 7.96 -5.97 1.59
N ASP A 9 8.74 -6.13 0.51
CA ASP A 9 8.17 -6.26 -0.83
C ASP A 9 6.97 -7.21 -0.85
N PHE A 10 5.98 -6.87 -1.65
CA PHE A 10 4.77 -7.70 -1.75
C PHE A 10 4.43 -7.98 -3.23
N GLN A 11 4.18 -9.24 -3.53
CA GLN A 11 3.85 -9.66 -4.89
C GLN A 11 2.34 -9.66 -5.10
N ALA A 12 1.87 -8.81 -6.01
CA ALA A 12 0.44 -8.71 -6.30
C ALA A 12 -0.11 -10.04 -6.77
N GLN A 13 -0.91 -10.67 -5.90
CA GLN A 13 -1.52 -11.96 -6.22
C GLN A 13 -2.59 -11.81 -7.30
N SER A 14 -3.38 -10.75 -7.17
CA SER A 14 -4.45 -10.49 -8.14
C SER A 14 -4.05 -9.38 -9.11
N PRO A 15 -4.61 -9.39 -10.33
CA PRO A 15 -4.30 -8.38 -11.35
C PRO A 15 -4.53 -6.96 -10.86
N LYS A 16 -5.47 -6.81 -9.92
CA LYS A 16 -5.78 -5.51 -9.36
C LYS A 16 -4.74 -5.07 -8.36
N GLU A 17 -4.10 -6.04 -7.71
CA GLU A 17 -3.07 -5.75 -6.71
C GLU A 17 -1.85 -5.11 -7.37
N LEU A 18 -0.96 -4.56 -6.55
CA LEU A 18 0.24 -3.91 -7.05
C LEU A 18 1.48 -4.41 -6.31
N THR A 19 2.54 -4.68 -7.06
CA THR A 19 3.79 -5.16 -6.48
C THR A 19 4.78 -4.00 -6.29
N LEU A 20 5.28 -3.84 -5.08
CA LEU A 20 6.24 -2.78 -4.78
C LEU A 20 7.32 -3.27 -3.83
N GLN A 21 8.47 -2.61 -3.86
CA GLN A 21 9.59 -2.96 -2.99
C GLN A 21 9.67 -2.03 -1.78
N LYS A 22 10.43 -2.44 -0.78
CA LYS A 22 10.60 -1.64 0.43
C LYS A 22 11.08 -0.24 0.11
N GLY A 23 10.73 0.73 0.95
CA GLY A 23 11.13 2.10 0.74
C GLY A 23 10.16 2.87 -0.14
N ASP A 24 9.15 2.18 -0.67
CA ASP A 24 8.16 2.82 -1.52
C ASP A 24 6.98 3.34 -0.70
N ILE A 25 6.61 4.59 -0.93
CA ILE A 25 5.49 5.20 -0.22
C ILE A 25 4.35 5.52 -1.17
N VAL A 26 3.13 5.23 -0.74
CA VAL A 26 1.95 5.49 -1.56
C VAL A 26 0.85 6.18 -0.75
N TYR A 27 -0.17 6.68 -1.45
CA TYR A 27 -1.29 7.36 -0.80
C TYR A 27 -2.42 6.37 -0.51
N ILE A 28 -2.73 6.19 0.76
CA ILE A 28 -3.79 5.29 1.18
C ILE A 28 -5.15 5.95 1.06
N HIS A 29 -6.13 5.17 0.59
CA HIS A 29 -7.49 5.68 0.44
C HIS A 29 -8.40 5.10 1.51
N LYS A 30 -8.23 3.81 1.79
CA LYS A 30 -9.03 3.13 2.80
C LYS A 30 -8.18 2.12 3.55
N GLU A 31 -8.41 2.02 4.86
CA GLU A 31 -7.66 1.09 5.69
C GLU A 31 -8.53 -0.02 6.23
N VAL A 32 -8.42 -1.19 5.61
CA VAL A 32 -9.17 -2.36 6.05
C VAL A 32 -8.30 -3.22 6.92
N ASP A 33 -8.45 -3.06 8.22
CA ASP A 33 -7.66 -3.81 9.20
C ASP A 33 -7.90 -5.31 9.07
N LYS A 34 -8.99 -5.69 8.41
CA LYS A 34 -9.29 -7.10 8.21
C LYS A 34 -8.17 -7.77 7.42
N ASN A 35 -7.83 -7.19 6.28
CA ASN A 35 -6.77 -7.71 5.41
C ASN A 35 -6.79 -7.04 4.04
N TRP A 36 -7.08 -5.74 4.02
CA TRP A 36 -7.13 -5.00 2.76
C TRP A 36 -6.96 -3.50 2.97
N LEU A 37 -6.68 -2.79 1.88
CA LEU A 37 -6.50 -1.34 1.90
C LEU A 37 -6.48 -0.80 0.48
N GLU A 38 -6.70 0.51 0.33
CA GLU A 38 -6.70 1.11 -1.00
C GLU A 38 -5.52 2.05 -1.18
N GLY A 39 -4.84 1.93 -2.31
CA GLY A 39 -3.70 2.77 -2.59
C GLY A 39 -3.56 3.08 -4.08
N GLU A 40 -2.85 4.14 -4.40
CA GLU A 40 -2.64 4.54 -5.79
C GLU A 40 -1.30 5.25 -5.96
N HIS A 41 -0.73 5.17 -7.16
CA HIS A 41 0.55 5.80 -7.44
C HIS A 41 0.62 6.30 -8.88
N HIS A 42 0.94 7.57 -9.04
CA HIS A 42 1.05 8.19 -10.37
C HIS A 42 -0.20 7.95 -11.20
N GLY A 43 -1.36 7.99 -10.55
CA GLY A 43 -2.61 7.78 -11.24
C GLY A 43 -2.95 6.31 -11.43
N ARG A 44 -1.99 5.43 -11.14
CA ARG A 44 -2.20 3.99 -11.28
C ARG A 44 -2.94 3.44 -10.06
N LEU A 45 -3.62 2.32 -10.25
CA LEU A 45 -4.37 1.70 -9.16
C LEU A 45 -3.56 0.57 -8.52
N GLY A 46 -3.43 0.62 -7.21
CA GLY A 46 -2.68 -0.40 -6.49
C GLY A 46 -3.27 -0.71 -5.14
N ILE A 47 -3.82 -1.91 -5.00
CA ILE A 47 -4.42 -2.33 -3.73
C ILE A 47 -3.67 -3.53 -3.15
N PHE A 48 -3.63 -3.61 -1.83
CA PHE A 48 -2.94 -4.71 -1.15
C PHE A 48 -3.41 -4.85 0.29
N PRO A 49 -3.19 -6.03 0.90
CA PRO A 49 -3.60 -6.30 2.28
C PRO A 49 -3.00 -5.28 3.26
N ALA A 50 -3.82 -4.82 4.20
CA ALA A 50 -3.38 -3.86 5.18
C ALA A 50 -2.27 -4.42 6.07
N ASN A 51 -2.29 -5.75 6.24
CA ASN A 51 -1.28 -6.42 7.05
C ASN A 51 0.10 -6.30 6.44
N TYR A 52 0.16 -6.05 5.13
CA TYR A 52 1.43 -5.93 4.43
C TYR A 52 1.82 -4.46 4.27
N VAL A 53 1.40 -3.63 5.20
CA VAL A 53 1.71 -2.21 5.16
C VAL A 53 1.67 -1.60 6.57
N GLU A 54 2.40 -0.50 6.74
CA GLU A 54 2.44 0.18 8.03
C GLU A 54 2.06 1.65 7.88
N VAL A 55 1.00 2.06 8.58
CA VAL A 55 0.53 3.44 8.52
C VAL A 55 1.43 4.36 9.35
N LEU A 56 2.11 5.27 8.67
CA LEU A 56 3.01 6.22 9.34
C LEU A 56 3.42 7.35 8.41
N PRO A 57 2.55 8.36 8.24
CA PRO A 57 2.82 9.51 7.36
C PRO A 57 4.10 10.22 7.74
N LEU A 58 4.95 10.49 6.75
CA LEU A 58 6.22 11.17 6.98
C LEU A 58 6.13 12.64 6.57
N GLU A 59 6.43 13.52 7.52
CA GLU A 59 6.39 14.96 7.25
C GLU A 59 7.12 15.73 8.35
N MET A 1 -2.73 12.55 1.38
CA MET A 1 -2.95 12.88 2.81
C MET A 1 -2.18 11.93 3.73
N LYS A 2 -2.31 10.63 3.45
CA LYS A 2 -1.64 9.61 4.25
C LYS A 2 -0.73 8.74 3.37
N ALA A 3 0.47 8.46 3.87
CA ALA A 3 1.41 7.63 3.13
C ALA A 3 1.99 6.54 4.01
N ALA A 4 2.39 5.43 3.41
CA ALA A 4 2.98 4.31 4.15
C ALA A 4 4.19 3.75 3.42
N ARG A 5 5.21 3.39 4.19
CA ARG A 5 6.45 2.85 3.63
C ARG A 5 6.48 1.33 3.78
N LEU A 6 6.51 0.63 2.65
CA LEU A 6 6.55 -0.83 2.66
C LEU A 6 7.81 -1.33 3.35
N LYS A 7 7.74 -2.53 3.91
CA LYS A 7 8.88 -3.13 4.60
C LYS A 7 9.08 -4.59 4.19
N PHE A 8 8.36 -5.02 3.15
CA PHE A 8 8.46 -6.40 2.68
C PHE A 8 8.09 -6.49 1.20
N ASP A 9 9.09 -6.71 0.36
CA ASP A 9 8.87 -6.82 -1.08
C ASP A 9 7.85 -7.91 -1.40
N PHE A 10 6.69 -7.50 -1.89
CA PHE A 10 5.63 -8.44 -2.24
C PHE A 10 5.31 -8.38 -3.73
N GLN A 11 5.04 -9.54 -4.32
CA GLN A 11 4.72 -9.62 -5.74
C GLN A 11 3.21 -9.79 -5.95
N ALA A 12 2.58 -8.75 -6.50
CA ALA A 12 1.15 -8.79 -6.76
C ALA A 12 0.84 -9.40 -8.13
N GLN A 13 -0.07 -10.35 -8.15
CA GLN A 13 -0.45 -11.02 -9.39
C GLN A 13 -1.81 -10.51 -9.89
N SER A 14 -2.69 -10.18 -8.95
CA SER A 14 -4.02 -9.69 -9.30
C SER A 14 -3.95 -8.24 -9.75
N PRO A 15 -4.66 -7.90 -10.86
CA PRO A 15 -4.68 -6.54 -11.39
C PRO A 15 -5.10 -5.50 -10.35
N LYS A 16 -5.92 -5.94 -9.39
CA LYS A 16 -6.40 -5.06 -8.35
C LYS A 16 -5.28 -4.75 -7.35
N GLU A 17 -4.35 -5.68 -7.21
CA GLU A 17 -3.22 -5.50 -6.29
C GLU A 17 -2.08 -4.76 -6.98
N LEU A 18 -1.08 -4.37 -6.20
CA LEU A 18 0.08 -3.66 -6.73
C LEU A 18 1.38 -4.28 -6.22
N THR A 19 2.34 -4.45 -7.12
CA THR A 19 3.63 -5.03 -6.77
C THR A 19 4.65 -3.95 -6.44
N LEU A 20 5.19 -4.01 -5.22
CA LEU A 20 6.19 -3.03 -4.79
C LEU A 20 7.21 -3.67 -3.87
N GLN A 21 8.45 -3.19 -3.94
CA GLN A 21 9.52 -3.73 -3.10
C GLN A 21 9.61 -2.97 -1.78
N LYS A 22 10.33 -3.54 -0.83
CA LYS A 22 10.50 -2.93 0.49
C LYS A 22 10.99 -1.49 0.36
N GLY A 23 10.37 -0.59 1.11
CA GLY A 23 10.77 0.81 1.07
C GLY A 23 9.86 1.64 0.18
N ASP A 24 9.07 0.98 -0.66
CA ASP A 24 8.16 1.68 -1.56
C ASP A 24 7.08 2.41 -0.79
N ILE A 25 6.78 3.63 -1.21
CA ILE A 25 5.76 4.45 -0.55
C ILE A 25 4.58 4.71 -1.49
N VAL A 26 3.38 4.54 -0.97
CA VAL A 26 2.16 4.75 -1.75
C VAL A 26 1.13 5.55 -0.97
N TYR A 27 0.36 6.37 -1.67
CA TYR A 27 -0.68 7.18 -1.03
C TYR A 27 -1.91 6.34 -0.72
N ILE A 28 -2.11 6.06 0.56
CA ILE A 28 -3.25 5.25 1.00
C ILE A 28 -4.52 6.11 1.10
N HIS A 29 -5.59 5.64 0.50
CA HIS A 29 -6.86 6.35 0.53
C HIS A 29 -7.63 6.04 1.81
N LYS A 30 -8.08 4.80 1.92
CA LYS A 30 -8.83 4.36 3.10
C LYS A 30 -8.08 3.25 3.83
N GLU A 31 -8.33 3.13 5.13
CA GLU A 31 -7.66 2.11 5.94
C GLU A 31 -8.65 1.08 6.47
N VAL A 32 -8.68 -0.08 5.83
CA VAL A 32 -9.55 -1.16 6.25
C VAL A 32 -8.83 -2.08 7.21
N ASP A 33 -9.00 -1.81 8.49
CA ASP A 33 -8.36 -2.60 9.54
C ASP A 33 -8.82 -4.06 9.51
N LYS A 34 -9.91 -4.34 8.80
CA LYS A 34 -10.43 -5.70 8.71
C LYS A 34 -9.32 -6.68 8.34
N ASN A 35 -8.61 -6.39 7.26
CA ASN A 35 -7.50 -7.24 6.80
C ASN A 35 -7.11 -6.94 5.35
N TRP A 36 -7.35 -5.71 4.89
CA TRP A 36 -6.99 -5.33 3.53
C TRP A 36 -6.90 -3.81 3.39
N LEU A 37 -5.70 -3.31 3.09
CA LEU A 37 -5.48 -1.89 2.94
C LEU A 37 -5.64 -1.47 1.48
N GLU A 38 -6.10 -0.25 1.26
CA GLU A 38 -6.29 0.28 -0.08
C GLU A 38 -5.49 1.56 -0.28
N GLY A 39 -4.78 1.64 -1.40
CA GLY A 39 -3.99 2.82 -1.69
C GLY A 39 -3.84 3.09 -3.18
N GLU A 40 -3.18 4.20 -3.51
CA GLU A 40 -2.97 4.57 -4.90
C GLU A 40 -1.63 5.29 -5.07
N HIS A 41 -1.18 5.40 -6.32
CA HIS A 41 0.10 6.06 -6.61
C HIS A 41 0.08 6.71 -7.99
N HIS A 42 0.35 8.01 -8.03
CA HIS A 42 0.37 8.75 -9.28
C HIS A 42 -0.95 8.59 -10.04
N GLY A 43 -2.05 8.56 -9.30
CA GLY A 43 -3.36 8.42 -9.93
C GLY A 43 -3.74 6.97 -10.18
N ARG A 44 -2.78 6.06 -10.02
CA ARG A 44 -3.02 4.64 -10.23
C ARG A 44 -3.54 3.99 -8.96
N LEU A 45 -4.26 2.88 -9.12
CA LEU A 45 -4.81 2.15 -7.98
C LEU A 45 -3.92 0.98 -7.59
N GLY A 46 -3.56 0.91 -6.31
CA GLY A 46 -2.72 -0.16 -5.83
C GLY A 46 -3.08 -0.61 -4.44
N ILE A 47 -3.59 -1.83 -4.32
CA ILE A 47 -4.00 -2.37 -3.03
C ILE A 47 -3.14 -3.56 -2.63
N PHE A 48 -2.94 -3.72 -1.33
CA PHE A 48 -2.14 -4.81 -0.80
C PHE A 48 -2.45 -5.03 0.69
N PRO A 49 -2.40 -6.30 1.14
CA PRO A 49 -2.68 -6.65 2.54
C PRO A 49 -1.84 -5.83 3.53
N ALA A 50 -2.50 -5.31 4.55
CA ALA A 50 -1.85 -4.52 5.59
C ALA A 50 -0.89 -5.35 6.44
N ASN A 51 -0.94 -6.67 6.28
CA ASN A 51 -0.10 -7.57 7.06
C ASN A 51 1.39 -7.27 6.92
N TYR A 52 1.78 -6.51 5.90
CA TYR A 52 3.19 -6.17 5.72
C TYR A 52 3.39 -4.69 5.40
N VAL A 53 2.58 -3.83 6.02
CA VAL A 53 2.70 -2.40 5.81
C VAL A 53 2.76 -1.64 7.13
N GLU A 54 3.30 -0.42 7.09
CA GLU A 54 3.43 0.39 8.29
C GLU A 54 2.83 1.78 8.05
N VAL A 55 2.00 2.24 9.00
CA VAL A 55 1.38 3.54 8.89
C VAL A 55 2.30 4.64 9.39
N LEU A 56 2.65 5.56 8.50
CA LEU A 56 3.53 6.67 8.85
C LEU A 56 3.71 7.63 7.67
N PRO A 57 2.71 8.47 7.40
CA PRO A 57 2.76 9.44 6.29
C PRO A 57 4.02 10.28 6.33
N LEU A 58 4.57 10.56 5.15
CA LEU A 58 5.78 11.37 5.03
C LEU A 58 5.46 12.77 4.54
N GLU A 59 4.28 13.26 4.89
CA GLU A 59 3.85 14.59 4.47
C GLU A 59 3.41 15.42 5.68
N MET A 1 -3.42 13.25 3.95
CA MET A 1 -2.32 13.38 4.94
C MET A 1 -1.92 12.03 5.50
N LYS A 2 -1.95 11.00 4.65
CA LYS A 2 -1.58 9.66 5.05
C LYS A 2 -0.62 9.03 4.06
N ALA A 3 0.46 8.45 4.57
CA ALA A 3 1.46 7.80 3.72
C ALA A 3 2.14 6.65 4.44
N ALA A 4 2.33 5.55 3.73
CA ALA A 4 2.97 4.37 4.30
C ALA A 4 4.17 3.94 3.46
N ARG A 5 5.16 3.34 4.13
CA ARG A 5 6.36 2.88 3.44
C ARG A 5 6.53 1.37 3.58
N LEU A 6 6.52 0.68 2.44
CA LEU A 6 6.67 -0.77 2.44
C LEU A 6 8.00 -1.18 3.06
N LYS A 7 8.10 -2.45 3.46
CA LYS A 7 9.32 -2.95 4.07
C LYS A 7 9.73 -4.31 3.50
N PHE A 8 9.08 -4.71 2.40
CA PHE A 8 9.39 -5.99 1.76
C PHE A 8 8.61 -6.15 0.47
N ASP A 9 9.32 -6.36 -0.63
CA ASP A 9 8.69 -6.52 -1.94
C ASP A 9 7.56 -7.54 -1.89
N PHE A 10 6.51 -7.28 -2.66
CA PHE A 10 5.36 -8.18 -2.71
C PHE A 10 4.84 -8.33 -4.13
N GLN A 11 4.77 -9.58 -4.60
CA GLN A 11 4.31 -9.87 -5.95
C GLN A 11 2.79 -10.04 -5.97
N ALA A 12 2.11 -9.13 -6.68
CA ALA A 12 0.66 -9.17 -6.79
C ALA A 12 0.20 -10.50 -7.41
N GLN A 13 -0.85 -11.08 -6.82
CA GLN A 13 -1.39 -12.34 -7.32
C GLN A 13 -2.67 -12.11 -8.10
N SER A 14 -3.44 -11.11 -7.69
CA SER A 14 -4.69 -10.78 -8.36
C SER A 14 -4.58 -9.45 -9.10
N PRO A 15 -5.30 -9.31 -10.23
CA PRO A 15 -5.28 -8.08 -11.04
C PRO A 15 -5.65 -6.85 -10.22
N LYS A 16 -6.45 -7.07 -9.18
CA LYS A 16 -6.88 -5.97 -8.30
C LYS A 16 -5.74 -5.49 -7.41
N GLU A 17 -4.82 -6.40 -7.10
CA GLU A 17 -3.67 -6.07 -6.25
C GLU A 17 -2.60 -5.34 -7.06
N LEU A 18 -1.63 -4.78 -6.35
CA LEU A 18 -0.53 -4.06 -6.99
C LEU A 18 0.82 -4.52 -6.46
N THR A 19 1.77 -4.72 -7.37
CA THR A 19 3.11 -5.16 -7.00
C THR A 19 3.99 -3.96 -6.62
N LEU A 20 4.52 -3.99 -5.40
CA LEU A 20 5.38 -2.90 -4.94
C LEU A 20 6.64 -3.47 -4.26
N GLN A 21 7.72 -2.70 -4.32
CA GLN A 21 8.98 -3.11 -3.70
C GLN A 21 9.23 -2.34 -2.42
N LYS A 22 10.01 -2.95 -1.51
CA LYS A 22 10.33 -2.33 -0.24
C LYS A 22 11.02 -0.98 -0.44
N GLY A 23 10.77 -0.05 0.48
CA GLY A 23 11.37 1.26 0.38
C GLY A 23 10.51 2.25 -0.38
N ASP A 24 9.42 1.76 -0.97
CA ASP A 24 8.51 2.63 -1.72
C ASP A 24 7.37 3.11 -0.85
N ILE A 25 7.04 4.39 -0.97
CA ILE A 25 5.96 4.98 -0.20
C ILE A 25 4.74 5.27 -1.08
N VAL A 26 3.56 5.01 -0.56
CA VAL A 26 2.33 5.24 -1.29
C VAL A 26 1.30 5.97 -0.43
N TYR A 27 0.30 6.56 -1.09
CA TYR A 27 -0.75 7.29 -0.39
C TYR A 27 -1.94 6.39 -0.10
N ILE A 28 -2.43 6.42 1.14
CA ILE A 28 -3.57 5.61 1.55
C ILE A 28 -4.87 6.27 1.14
N HIS A 29 -5.76 5.50 0.52
CA HIS A 29 -7.05 6.01 0.09
C HIS A 29 -8.18 5.45 0.95
N LYS A 30 -7.96 4.28 1.54
CA LYS A 30 -8.96 3.65 2.39
C LYS A 30 -8.30 2.69 3.37
N GLU A 31 -8.89 2.57 4.55
CA GLU A 31 -8.35 1.68 5.58
C GLU A 31 -9.32 0.55 5.90
N VAL A 32 -9.01 -0.62 5.35
CA VAL A 32 -9.84 -1.78 5.60
C VAL A 32 -9.28 -2.53 6.79
N ASP A 33 -9.90 -2.31 7.94
CA ASP A 33 -9.47 -2.93 9.18
C ASP A 33 -9.58 -4.45 9.09
N LYS A 34 -10.33 -4.94 8.11
CA LYS A 34 -10.48 -6.38 7.93
C LYS A 34 -9.13 -7.02 7.67
N ASN A 35 -8.40 -6.47 6.68
CA ASN A 35 -7.07 -6.97 6.32
C ASN A 35 -6.61 -6.39 4.98
N TRP A 36 -6.97 -5.15 4.69
CA TRP A 36 -6.58 -4.51 3.43
C TRP A 36 -6.66 -2.99 3.52
N LEU A 37 -6.14 -2.32 2.49
CA LEU A 37 -6.15 -0.87 2.40
C LEU A 37 -5.97 -0.42 0.95
N GLU A 38 -5.97 0.89 0.72
CA GLU A 38 -5.80 1.41 -0.64
C GLU A 38 -4.38 1.94 -0.84
N GLY A 39 -3.79 1.58 -1.98
CA GLY A 39 -2.45 2.04 -2.29
C GLY A 39 -2.28 2.37 -3.76
N GLU A 40 -2.16 3.66 -4.07
CA GLU A 40 -1.99 4.11 -5.44
C GLU A 40 -0.68 4.85 -5.61
N HIS A 41 -0.09 4.76 -6.80
CA HIS A 41 1.18 5.42 -7.09
C HIS A 41 1.20 6.00 -8.49
N HIS A 42 1.57 7.28 -8.59
CA HIS A 42 1.64 7.96 -9.87
C HIS A 42 0.32 7.89 -10.63
N GLY A 43 -0.79 8.00 -9.90
CA GLY A 43 -2.10 7.95 -10.52
C GLY A 43 -2.62 6.54 -10.70
N ARG A 44 -1.76 5.54 -10.49
CA ARG A 44 -2.16 4.16 -10.63
C ARG A 44 -2.89 3.69 -9.37
N LEU A 45 -3.93 2.89 -9.56
CA LEU A 45 -4.71 2.40 -8.43
C LEU A 45 -4.27 0.99 -8.03
N GLY A 46 -3.99 0.81 -6.75
CA GLY A 46 -3.56 -0.48 -6.24
C GLY A 46 -3.94 -0.68 -4.78
N ILE A 47 -3.78 -1.89 -4.29
CA ILE A 47 -4.11 -2.21 -2.90
C ILE A 47 -3.06 -3.13 -2.28
N PHE A 48 -2.85 -2.97 -0.98
CA PHE A 48 -1.87 -3.79 -0.26
C PHE A 48 -2.38 -4.13 1.14
N PRO A 49 -2.01 -5.31 1.66
CA PRO A 49 -2.43 -5.75 2.99
C PRO A 49 -1.97 -4.79 4.09
N ALA A 50 -2.72 -4.77 5.18
CA ALA A 50 -2.38 -3.89 6.31
C ALA A 50 -1.09 -4.34 6.98
N ASN A 51 -0.80 -5.64 6.89
CA ASN A 51 0.41 -6.20 7.49
C ASN A 51 1.56 -6.27 6.47
N TYR A 52 1.36 -5.64 5.32
CA TYR A 52 2.38 -5.65 4.27
C TYR A 52 3.03 -4.28 4.12
N VAL A 53 2.75 -3.37 5.07
CA VAL A 53 3.33 -2.04 5.03
C VAL A 53 3.41 -1.45 6.44
N GLU A 54 4.20 -0.38 6.56
CA GLU A 54 4.37 0.29 7.85
C GLU A 54 3.66 1.63 7.86
N VAL A 55 2.71 1.79 8.77
CA VAL A 55 1.95 3.03 8.87
C VAL A 55 2.79 4.15 9.49
N LEU A 56 3.08 5.17 8.70
CA LEU A 56 3.88 6.29 9.18
C LEU A 56 3.84 7.45 8.17
N PRO A 57 2.72 8.17 8.09
CA PRO A 57 2.56 9.30 7.18
C PRO A 57 3.67 10.33 7.34
N LEU A 58 4.36 10.63 6.24
CA LEU A 58 5.44 11.60 6.26
C LEU A 58 4.95 12.99 5.88
N GLU A 59 3.84 13.40 6.51
CA GLU A 59 3.26 14.71 6.25
C GLU A 59 2.64 15.30 7.51
N MET A 1 -3.96 11.51 2.31
CA MET A 1 -3.89 12.01 3.72
C MET A 1 -3.05 11.07 4.58
N LYS A 2 -3.08 9.77 4.24
CA LYS A 2 -2.33 8.77 4.99
C LYS A 2 -1.16 8.25 4.16
N ALA A 3 0.04 8.36 4.71
CA ALA A 3 1.24 7.89 4.02
C ALA A 3 1.80 6.65 4.69
N ALA A 4 2.06 5.62 3.90
CA ALA A 4 2.62 4.37 4.42
C ALA A 4 3.85 3.95 3.64
N ARG A 5 4.88 3.51 4.36
CA ARG A 5 6.12 3.06 3.74
C ARG A 5 6.27 1.55 3.84
N LEU A 6 6.24 0.88 2.69
CA LEU A 6 6.37 -0.57 2.64
C LEU A 6 7.68 -1.02 3.27
N LYS A 7 7.65 -2.18 3.92
CA LYS A 7 8.84 -2.72 4.56
C LYS A 7 9.20 -4.11 4.02
N PHE A 8 8.38 -4.61 3.10
CA PHE A 8 8.61 -5.92 2.50
C PHE A 8 8.06 -5.99 1.08
N ASP A 9 8.94 -6.23 0.12
CA ASP A 9 8.53 -6.31 -1.29
C ASP A 9 7.44 -7.36 -1.48
N PHE A 10 6.31 -6.94 -2.04
CA PHE A 10 5.19 -7.84 -2.27
C PHE A 10 4.86 -7.93 -3.76
N GLN A 11 4.45 -9.12 -4.19
CA GLN A 11 4.11 -9.34 -5.58
C GLN A 11 2.59 -9.38 -5.78
N ALA A 12 2.11 -8.67 -6.78
CA ALA A 12 0.68 -8.63 -7.07
C ALA A 12 0.13 -10.02 -7.34
N GLN A 13 -0.57 -10.58 -6.34
CA GLN A 13 -1.15 -11.91 -6.47
C GLN A 13 -2.35 -11.88 -7.42
N SER A 14 -3.11 -10.79 -7.36
CA SER A 14 -4.29 -10.64 -8.21
C SER A 14 -4.13 -9.43 -9.14
N PRO A 15 -4.85 -9.44 -10.28
CA PRO A 15 -4.79 -8.34 -11.25
C PRO A 15 -5.12 -6.99 -10.62
N LYS A 16 -5.92 -7.02 -9.56
CA LYS A 16 -6.31 -5.79 -8.87
C LYS A 16 -5.19 -5.30 -7.95
N GLU A 17 -4.38 -6.24 -7.47
CA GLU A 17 -3.26 -5.90 -6.59
C GLU A 17 -2.10 -5.32 -7.39
N LEU A 18 -1.21 -4.60 -6.71
CA LEU A 18 -0.07 -3.98 -7.36
C LEU A 18 1.25 -4.46 -6.73
N THR A 19 2.21 -4.78 -7.57
CA THR A 19 3.52 -5.24 -7.11
C THR A 19 4.44 -4.07 -6.79
N LEU A 20 4.93 -4.03 -5.56
CA LEU A 20 5.82 -2.96 -5.13
C LEU A 20 6.88 -3.49 -4.17
N GLN A 21 8.12 -3.05 -4.37
CA GLN A 21 9.23 -3.48 -3.52
C GLN A 21 9.31 -2.64 -2.25
N LYS A 22 10.07 -3.13 -1.28
CA LYS A 22 10.23 -2.43 0.00
C LYS A 22 10.83 -1.04 -0.22
N GLY A 23 10.39 -0.08 0.59
CA GLY A 23 10.89 1.28 0.46
C GLY A 23 9.99 2.17 -0.37
N ASP A 24 8.96 1.59 -0.97
CA ASP A 24 8.03 2.35 -1.79
C ASP A 24 6.91 2.95 -0.96
N ILE A 25 6.66 4.24 -1.16
CA ILE A 25 5.60 4.93 -0.43
C ILE A 25 4.48 5.35 -1.36
N VAL A 26 3.25 5.24 -0.87
CA VAL A 26 2.07 5.60 -1.67
C VAL A 26 1.02 6.32 -0.82
N TYR A 27 0.13 7.04 -1.49
CA TYR A 27 -0.92 7.78 -0.80
C TYR A 27 -2.16 6.90 -0.63
N ILE A 28 -2.45 6.55 0.62
CA ILE A 28 -3.60 5.70 0.92
C ILE A 28 -4.90 6.51 0.97
N HIS A 29 -5.96 5.92 0.42
CA HIS A 29 -7.27 6.57 0.40
C HIS A 29 -8.16 5.99 1.51
N LYS A 30 -8.13 4.67 1.64
CA LYS A 30 -8.91 3.97 2.66
C LYS A 30 -8.04 2.97 3.39
N GLU A 31 -8.31 2.77 4.68
CA GLU A 31 -7.53 1.84 5.49
C GLU A 31 -8.38 0.68 5.97
N VAL A 32 -8.01 -0.52 5.53
CA VAL A 32 -8.71 -1.74 5.93
C VAL A 32 -7.83 -2.60 6.79
N ASP A 33 -7.92 -2.38 8.09
CA ASP A 33 -7.13 -3.12 9.06
C ASP A 33 -7.49 -4.60 9.05
N LYS A 34 -8.76 -4.89 8.83
CA LYS A 34 -9.23 -6.28 8.79
C LYS A 34 -8.85 -6.94 7.47
N ASN A 35 -8.57 -6.11 6.46
CA ASN A 35 -8.19 -6.61 5.13
C ASN A 35 -7.09 -5.74 4.52
N TRP A 36 -7.20 -5.46 3.24
CA TRP A 36 -6.21 -4.66 2.53
C TRP A 36 -6.68 -3.23 2.31
N LEU A 37 -5.80 -2.28 2.59
CA LEU A 37 -6.09 -0.86 2.41
C LEU A 37 -5.99 -0.47 0.93
N GLU A 38 -6.44 0.73 0.59
CA GLU A 38 -6.39 1.21 -0.79
C GLU A 38 -5.20 2.14 -0.99
N GLY A 39 -4.43 1.88 -2.04
CA GLY A 39 -3.27 2.71 -2.33
C GLY A 39 -3.26 3.21 -3.77
N GLU A 40 -2.45 4.23 -4.03
CA GLU A 40 -2.35 4.79 -5.37
C GLU A 40 -0.95 5.38 -5.61
N HIS A 41 -0.49 5.30 -6.85
CA HIS A 41 0.84 5.82 -7.19
C HIS A 41 0.88 6.29 -8.65
N HIS A 42 1.29 7.55 -8.84
CA HIS A 42 1.39 8.13 -10.18
C HIS A 42 0.10 7.95 -10.96
N GLY A 43 -1.04 8.07 -10.27
CA GLY A 43 -2.32 7.93 -10.91
C GLY A 43 -2.78 6.48 -11.00
N ARG A 44 -1.87 5.55 -10.69
CA ARG A 44 -2.20 4.13 -10.72
C ARG A 44 -2.74 3.68 -9.38
N LEU A 45 -3.56 2.63 -9.39
CA LEU A 45 -4.15 2.10 -8.16
C LEU A 45 -3.33 0.92 -7.64
N GLY A 46 -2.96 0.98 -6.38
CA GLY A 46 -2.19 -0.09 -5.77
C GLY A 46 -2.74 -0.48 -4.42
N ILE A 47 -3.26 -1.70 -4.32
CA ILE A 47 -3.84 -2.19 -3.07
C ILE A 47 -3.07 -3.40 -2.54
N PHE A 48 -3.01 -3.52 -1.21
CA PHE A 48 -2.33 -4.62 -0.56
C PHE A 48 -2.81 -4.76 0.88
N PRO A 49 -2.65 -5.95 1.49
CA PRO A 49 -3.08 -6.19 2.87
C PRO A 49 -2.25 -5.38 3.87
N ALA A 50 -2.94 -4.82 4.87
CA ALA A 50 -2.28 -4.02 5.89
C ALA A 50 -1.26 -4.84 6.68
N ASN A 51 -1.35 -6.15 6.59
CA ASN A 51 -0.42 -7.03 7.30
C ASN A 51 0.97 -7.02 6.67
N TYR A 52 1.12 -6.34 5.54
CA TYR A 52 2.39 -6.27 4.85
C TYR A 52 3.08 -4.92 5.08
N VAL A 53 2.28 -3.88 5.26
CA VAL A 53 2.80 -2.54 5.48
C VAL A 53 2.28 -1.94 6.79
N GLU A 54 2.99 -0.94 7.31
CA GLU A 54 2.60 -0.28 8.55
C GLU A 54 2.01 1.10 8.27
N VAL A 55 1.13 1.54 9.15
CA VAL A 55 0.50 2.85 9.00
C VAL A 55 1.21 3.91 9.82
N LEU A 56 1.82 4.88 9.15
CA LEU A 56 2.53 5.96 9.83
C LEU A 56 2.77 7.13 8.88
N PRO A 57 1.71 7.92 8.61
CA PRO A 57 1.81 9.09 7.72
C PRO A 57 2.95 10.02 8.11
N LEU A 58 3.46 10.77 7.14
CA LEU A 58 4.56 11.71 7.39
C LEU A 58 4.36 13.00 6.60
N GLU A 59 5.09 14.04 6.98
CA GLU A 59 4.99 15.33 6.31
C GLU A 59 6.35 16.00 6.23
N MET A 1 -4.15 11.83 2.01
CA MET A 1 -3.80 11.99 3.45
C MET A 1 -3.25 10.70 4.04
N LYS A 2 -2.51 10.82 5.13
CA LYS A 2 -1.92 9.65 5.79
C LYS A 2 -0.98 8.92 4.86
N ALA A 3 0.31 8.93 5.21
CA ALA A 3 1.32 8.24 4.41
C ALA A 3 1.90 7.05 5.16
N ALA A 4 2.30 6.02 4.41
CA ALA A 4 2.87 4.82 5.01
C ALA A 4 4.16 4.42 4.31
N ARG A 5 5.09 3.83 5.06
CA ARG A 5 6.36 3.40 4.51
C ARG A 5 6.37 1.88 4.31
N LEU A 6 6.79 1.44 3.13
CA LEU A 6 6.84 0.02 2.82
C LEU A 6 7.75 -0.72 3.81
N LYS A 7 7.82 -2.04 3.66
CA LYS A 7 8.65 -2.86 4.53
C LYS A 7 8.79 -4.28 3.98
N PHE A 8 7.72 -4.80 3.41
CA PHE A 8 7.73 -6.16 2.85
C PHE A 8 7.25 -6.16 1.41
N ASP A 9 8.19 -6.36 0.47
CA ASP A 9 7.86 -6.39 -0.95
C ASP A 9 6.77 -7.42 -1.23
N PHE A 10 5.72 -6.98 -1.93
CA PHE A 10 4.61 -7.86 -2.27
C PHE A 10 4.35 -7.86 -3.77
N GLN A 11 4.05 -9.04 -4.31
CA GLN A 11 3.78 -9.17 -5.73
C GLN A 11 2.27 -9.26 -6.00
N ALA A 12 1.74 -8.28 -6.70
CA ALA A 12 0.31 -8.24 -7.02
C ALA A 12 -0.08 -9.43 -7.89
N GLN A 13 -0.64 -10.46 -7.26
CA GLN A 13 -1.07 -11.65 -7.97
C GLN A 13 -2.21 -11.34 -8.93
N SER A 14 -3.11 -10.46 -8.49
CA SER A 14 -4.26 -10.07 -9.31
C SER A 14 -4.04 -8.69 -9.92
N PRO A 15 -4.59 -8.45 -11.13
CA PRO A 15 -4.46 -7.16 -11.82
C PRO A 15 -4.95 -5.99 -10.96
N LYS A 16 -5.89 -6.27 -10.07
CA LYS A 16 -6.44 -5.25 -9.19
C LYS A 16 -5.46 -4.91 -8.06
N GLU A 17 -4.61 -5.87 -7.71
CA GLU A 17 -3.64 -5.66 -6.65
C GLU A 17 -2.55 -4.69 -7.09
N LEU A 18 -1.65 -4.36 -6.17
CA LEU A 18 -0.57 -3.42 -6.48
C LEU A 18 0.78 -3.98 -6.01
N THR A 19 1.78 -3.84 -6.87
CA THR A 19 3.13 -4.32 -6.55
C THR A 19 3.97 -3.19 -5.94
N LEU A 20 4.47 -3.42 -4.75
CA LEU A 20 5.29 -2.42 -4.06
C LEU A 20 6.46 -3.07 -3.33
N GLN A 21 7.62 -2.45 -3.40
CA GLN A 21 8.82 -2.96 -2.75
C GLN A 21 9.30 -2.00 -1.66
N LYS A 22 10.18 -2.50 -0.80
CA LYS A 22 10.72 -1.70 0.29
C LYS A 22 11.40 -0.43 -0.23
N GLY A 23 11.33 0.63 0.57
CA GLY A 23 11.94 1.90 0.16
C GLY A 23 10.99 2.79 -0.61
N ASP A 24 9.82 2.27 -0.96
CA ASP A 24 8.83 3.04 -1.70
C ASP A 24 7.78 3.63 -0.77
N ILE A 25 7.25 4.79 -1.15
CA ILE A 25 6.22 5.46 -0.37
C ILE A 25 4.90 5.51 -1.12
N VAL A 26 3.83 5.04 -0.48
CA VAL A 26 2.51 5.04 -1.10
C VAL A 26 1.48 5.73 -0.21
N TYR A 27 0.38 6.14 -0.82
CA TYR A 27 -0.70 6.82 -0.09
C TYR A 27 -1.92 5.91 0.04
N ILE A 28 -2.43 5.79 1.25
CA ILE A 28 -3.60 4.95 1.52
C ILE A 28 -4.90 5.67 1.17
N HIS A 29 -5.81 4.96 0.53
CA HIS A 29 -7.10 5.53 0.15
C HIS A 29 -8.19 5.07 1.10
N LYS A 30 -8.18 3.79 1.45
CA LYS A 30 -9.16 3.23 2.37
C LYS A 30 -8.50 2.22 3.30
N GLU A 31 -9.00 2.11 4.51
CA GLU A 31 -8.43 1.19 5.50
C GLU A 31 -9.40 0.10 5.87
N VAL A 32 -9.19 -1.08 5.30
CA VAL A 32 -10.02 -2.23 5.60
C VAL A 32 -9.45 -2.95 6.80
N ASP A 33 -10.05 -2.69 7.95
CA ASP A 33 -9.61 -3.28 9.20
C ASP A 33 -9.70 -4.80 9.16
N LYS A 34 -10.47 -5.32 8.20
CA LYS A 34 -10.62 -6.75 8.05
C LYS A 34 -9.27 -7.39 7.75
N ASN A 35 -8.58 -6.86 6.73
CA ASN A 35 -7.27 -7.36 6.33
C ASN A 35 -6.86 -6.81 4.97
N TRP A 36 -7.23 -5.57 4.66
CA TRP A 36 -6.89 -4.97 3.38
C TRP A 36 -6.95 -3.44 3.42
N LEU A 37 -6.46 -2.81 2.36
CA LEU A 37 -6.45 -1.35 2.24
C LEU A 37 -6.31 -0.96 0.77
N GLU A 38 -6.26 0.34 0.50
CA GLU A 38 -6.11 0.81 -0.88
C GLU A 38 -4.69 1.30 -1.15
N GLY A 39 -4.09 0.80 -2.22
CA GLY A 39 -2.74 1.19 -2.57
C GLY A 39 -2.67 1.83 -3.94
N GLU A 40 -2.30 3.11 -3.98
CA GLU A 40 -2.21 3.84 -5.23
C GLU A 40 -0.78 4.34 -5.46
N HIS A 41 -0.33 4.32 -6.71
CA HIS A 41 1.01 4.78 -7.04
C HIS A 41 1.08 5.35 -8.46
N HIS A 42 1.73 6.50 -8.59
CA HIS A 42 1.89 7.16 -9.89
C HIS A 42 0.56 7.19 -10.67
N GLY A 43 -0.53 7.41 -9.97
CA GLY A 43 -1.83 7.47 -10.61
C GLY A 43 -2.45 6.10 -10.83
N ARG A 44 -1.68 5.05 -10.61
CA ARG A 44 -2.18 3.69 -10.80
C ARG A 44 -2.98 3.24 -9.59
N LEU A 45 -4.09 2.54 -9.84
CA LEU A 45 -4.95 2.07 -8.76
C LEU A 45 -4.64 0.62 -8.41
N GLY A 46 -4.52 0.35 -7.12
CA GLY A 46 -4.22 -1.00 -6.66
C GLY A 46 -4.54 -1.18 -5.18
N ILE A 47 -4.43 -2.42 -4.71
CA ILE A 47 -4.71 -2.73 -3.31
C ILE A 47 -3.75 -3.78 -2.78
N PHE A 48 -3.52 -3.74 -1.47
CA PHE A 48 -2.62 -4.69 -0.83
C PHE A 48 -2.89 -4.75 0.68
N PRO A 49 -2.48 -5.86 1.33
CA PRO A 49 -2.69 -6.04 2.78
C PRO A 49 -1.83 -5.09 3.60
N ALA A 50 -2.44 -4.49 4.63
CA ALA A 50 -1.73 -3.56 5.49
C ALA A 50 -0.66 -4.26 6.31
N ASN A 51 -0.83 -5.56 6.52
CA ASN A 51 0.13 -6.34 7.29
C ASN A 51 1.52 -6.29 6.66
N TYR A 52 1.58 -5.96 5.37
CA TYR A 52 2.85 -5.88 4.66
C TYR A 52 3.34 -4.43 4.53
N VAL A 53 2.86 -3.57 5.42
CA VAL A 53 3.25 -2.15 5.40
C VAL A 53 3.11 -1.53 6.78
N GLU A 54 3.83 -0.43 7.00
CA GLU A 54 3.78 0.27 8.28
C GLU A 54 3.23 1.68 8.10
N VAL A 55 2.17 2.00 8.86
CA VAL A 55 1.56 3.31 8.78
C VAL A 55 2.34 4.33 9.58
N LEU A 56 2.84 5.36 8.90
CA LEU A 56 3.61 6.42 9.56
C LEU A 56 3.66 7.68 8.69
N PRO A 57 2.57 8.45 8.67
CA PRO A 57 2.50 9.69 7.88
C PRO A 57 3.65 10.63 8.19
N LEU A 58 4.14 11.32 7.16
CA LEU A 58 5.23 12.27 7.32
C LEU A 58 4.90 13.62 6.68
N GLU A 59 5.54 14.67 7.17
CA GLU A 59 5.30 16.01 6.66
C GLU A 59 6.61 16.64 6.18
N MET A 1 -4.42 12.96 4.40
CA MET A 1 -2.95 13.20 4.39
C MET A 1 -2.23 12.20 5.29
N LYS A 2 -2.10 10.98 4.81
CA LYS A 2 -1.42 9.92 5.57
C LYS A 2 -0.61 9.01 4.64
N ALA A 3 0.71 9.15 4.71
CA ALA A 3 1.59 8.35 3.87
C ALA A 3 2.18 7.18 4.68
N ALA A 4 2.52 6.10 3.98
CA ALA A 4 3.10 4.93 4.62
C ALA A 4 4.34 4.45 3.88
N ARG A 5 5.26 3.81 4.61
CA ARG A 5 6.49 3.30 4.03
C ARG A 5 6.39 1.80 3.79
N LEU A 6 6.47 1.39 2.53
CA LEU A 6 6.39 -0.02 2.18
C LEU A 6 7.69 -0.74 2.53
N LYS A 7 7.59 -2.04 2.75
CA LYS A 7 8.76 -2.85 3.09
C LYS A 7 8.47 -4.33 2.91
N PHE A 8 7.64 -4.67 1.93
CA PHE A 8 7.30 -6.06 1.68
C PHE A 8 7.36 -6.40 0.18
N ASP A 9 8.49 -6.94 -0.25
CA ASP A 9 8.67 -7.31 -1.64
C ASP A 9 7.79 -8.50 -2.02
N PHE A 10 6.47 -8.27 -2.00
CA PHE A 10 5.52 -9.33 -2.32
C PHE A 10 4.91 -9.09 -3.70
N GLN A 11 4.74 -10.18 -4.46
CA GLN A 11 4.18 -10.10 -5.80
C GLN A 11 2.66 -10.26 -5.76
N ALA A 12 1.96 -9.42 -6.54
CA ALA A 12 0.51 -9.47 -6.60
C ALA A 12 0.03 -10.52 -7.60
N GLN A 13 -1.00 -11.27 -7.22
CA GLN A 13 -1.54 -12.30 -8.08
C GLN A 13 -2.78 -11.80 -8.83
N SER A 14 -3.60 -10.99 -8.15
CA SER A 14 -4.81 -10.45 -8.75
C SER A 14 -4.49 -9.22 -9.60
N PRO A 15 -5.21 -9.03 -10.71
CA PRO A 15 -4.99 -7.88 -11.61
C PRO A 15 -5.18 -6.55 -10.90
N LYS A 16 -6.03 -6.56 -9.88
CA LYS A 16 -6.31 -5.34 -9.11
C LYS A 16 -5.21 -5.09 -8.08
N GLU A 17 -4.57 -6.16 -7.62
CA GLU A 17 -3.50 -6.06 -6.64
C GLU A 17 -2.27 -5.39 -7.25
N LEU A 18 -1.39 -4.91 -6.40
CA LEU A 18 -0.16 -4.25 -6.85
C LEU A 18 1.06 -4.81 -6.14
N THR A 19 2.13 -5.05 -6.90
CA THR A 19 3.36 -5.57 -6.34
C THR A 19 4.22 -4.43 -5.79
N LEU A 20 4.56 -4.52 -4.51
CA LEU A 20 5.36 -3.49 -3.86
C LEU A 20 6.68 -4.06 -3.36
N GLN A 21 7.69 -3.19 -3.28
CA GLN A 21 9.00 -3.58 -2.81
C GLN A 21 9.48 -2.62 -1.71
N LYS A 22 10.51 -3.03 -0.98
CA LYS A 22 11.06 -2.21 0.10
C LYS A 22 11.60 -0.89 -0.45
N GLY A 23 11.26 0.20 0.23
CA GLY A 23 11.72 1.51 -0.21
C GLY A 23 10.68 2.27 -1.01
N ASP A 24 9.56 1.63 -1.31
CA ASP A 24 8.50 2.27 -2.08
C ASP A 24 7.61 3.13 -1.19
N ILE A 25 7.24 4.30 -1.68
CA ILE A 25 6.38 5.22 -0.95
C ILE A 25 5.04 5.40 -1.65
N VAL A 26 3.95 5.16 -0.93
CA VAL A 26 2.61 5.29 -1.50
C VAL A 26 1.69 6.05 -0.55
N TYR A 27 0.68 6.71 -1.12
CA TYR A 27 -0.29 7.46 -0.34
C TYR A 27 -1.61 6.71 -0.25
N ILE A 28 -1.96 6.27 0.95
CA ILE A 28 -3.19 5.53 1.17
C ILE A 28 -4.39 6.45 1.29
N HIS A 29 -5.44 6.17 0.51
CA HIS A 29 -6.65 6.97 0.55
C HIS A 29 -7.58 6.48 1.66
N LYS A 30 -7.82 5.18 1.69
CA LYS A 30 -8.66 4.58 2.71
C LYS A 30 -7.97 3.37 3.32
N GLU A 31 -8.13 3.18 4.62
CA GLU A 31 -7.49 2.07 5.32
C GLU A 31 -8.48 0.94 5.60
N VAL A 32 -8.27 -0.19 4.94
CA VAL A 32 -9.13 -1.35 5.15
C VAL A 32 -8.47 -2.32 6.12
N ASP A 33 -8.76 -2.14 7.39
CA ASP A 33 -8.20 -2.98 8.44
C ASP A 33 -8.75 -4.39 8.37
N LYS A 34 -10.03 -4.50 8.02
CA LYS A 34 -10.69 -5.81 7.92
C LYS A 34 -9.96 -6.71 6.93
N ASN A 35 -9.20 -6.11 6.02
CA ASN A 35 -8.46 -6.86 5.02
C ASN A 35 -7.30 -6.03 4.46
N TRP A 36 -7.07 -6.15 3.16
CA TRP A 36 -5.99 -5.44 2.50
C TRP A 36 -6.22 -3.93 2.47
N LEU A 37 -5.14 -3.17 2.63
CA LEU A 37 -5.21 -1.73 2.61
C LEU A 37 -5.35 -1.21 1.18
N GLU A 38 -6.06 -0.11 1.02
CA GLU A 38 -6.26 0.48 -0.31
C GLU A 38 -5.45 1.75 -0.49
N GLY A 39 -4.58 1.75 -1.50
CA GLY A 39 -3.77 2.92 -1.77
C GLY A 39 -3.52 3.13 -3.25
N GLU A 40 -3.02 4.30 -3.61
CA GLU A 40 -2.74 4.61 -5.02
C GLU A 40 -1.59 5.59 -5.14
N HIS A 41 -0.98 5.63 -6.33
CA HIS A 41 0.13 6.52 -6.59
C HIS A 41 0.17 6.90 -8.07
N HIS A 42 0.17 8.21 -8.34
CA HIS A 42 0.19 8.70 -9.70
C HIS A 42 -0.96 8.14 -10.52
N GLY A 43 -2.12 8.01 -9.90
CA GLY A 43 -3.29 7.48 -10.59
C GLY A 43 -3.36 5.96 -10.58
N ARG A 44 -2.27 5.31 -10.15
CA ARG A 44 -2.24 3.86 -10.09
C ARG A 44 -2.66 3.37 -8.72
N LEU A 45 -3.67 2.51 -8.67
CA LEU A 45 -4.17 1.99 -7.40
C LEU A 45 -3.59 0.61 -7.10
N GLY A 46 -3.09 0.44 -5.88
CA GLY A 46 -2.52 -0.83 -5.48
C GLY A 46 -2.92 -1.22 -4.07
N ILE A 47 -3.43 -2.43 -3.91
CA ILE A 47 -3.87 -2.90 -2.60
C ILE A 47 -3.02 -4.07 -2.11
N PHE A 48 -2.86 -4.13 -0.80
CA PHE A 48 -2.07 -5.19 -0.17
C PHE A 48 -2.44 -5.31 1.31
N PRO A 49 -2.15 -6.46 1.93
CA PRO A 49 -2.47 -6.69 3.35
C PRO A 49 -1.87 -5.63 4.27
N ALA A 50 -2.68 -5.13 5.19
CA ALA A 50 -2.24 -4.11 6.13
C ALA A 50 -0.98 -4.54 6.88
N ASN A 51 -0.78 -5.84 6.98
CA ASN A 51 0.38 -6.38 7.68
C ASN A 51 1.64 -6.29 6.82
N TYR A 52 1.50 -5.80 5.58
CA TYR A 52 2.64 -5.67 4.68
C TYR A 52 2.97 -4.20 4.42
N VAL A 53 2.74 -3.36 5.42
CA VAL A 53 3.01 -1.93 5.30
C VAL A 53 3.25 -1.29 6.66
N GLU A 54 3.91 -0.15 6.66
CA GLU A 54 4.20 0.57 7.91
C GLU A 54 3.61 1.97 7.88
N VAL A 55 2.74 2.26 8.84
CA VAL A 55 2.09 3.56 8.93
C VAL A 55 3.04 4.61 9.51
N LEU A 56 3.29 5.66 8.73
CA LEU A 56 4.18 6.74 9.17
C LEU A 56 4.20 7.88 8.17
N PRO A 57 3.13 8.69 8.14
CA PRO A 57 3.02 9.83 7.22
C PRO A 57 4.25 10.73 7.26
N LEU A 58 4.56 11.36 6.13
CA LEU A 58 5.71 12.26 6.05
C LEU A 58 5.26 13.71 5.93
N GLU A 59 4.11 13.92 5.29
CA GLU A 59 3.57 15.27 5.11
C GLU A 59 2.97 15.79 6.41
N MET A 1 -1.36 15.03 4.52
CA MET A 1 -1.17 13.95 3.51
C MET A 1 -0.84 12.62 4.18
N LYS A 2 -1.58 11.58 3.84
CA LYS A 2 -1.36 10.25 4.40
C LYS A 2 -0.44 9.43 3.51
N ALA A 3 0.55 8.79 4.12
CA ALA A 3 1.51 7.98 3.39
C ALA A 3 2.02 6.83 4.26
N ALA A 4 2.41 5.74 3.61
CA ALA A 4 2.92 4.57 4.33
C ALA A 4 4.20 4.04 3.67
N ARG A 5 5.16 3.64 4.51
CA ARG A 5 6.41 3.11 4.00
C ARG A 5 6.44 1.58 4.08
N LEU A 6 6.60 0.95 2.92
CA LEU A 6 6.63 -0.51 2.86
C LEU A 6 7.97 -1.04 3.34
N LYS A 7 7.95 -2.24 3.92
CA LYS A 7 9.17 -2.87 4.44
C LYS A 7 9.20 -4.36 4.10
N PHE A 8 8.43 -4.76 3.10
CA PHE A 8 8.37 -6.16 2.69
C PHE A 8 7.95 -6.29 1.23
N ASP A 9 8.84 -6.81 0.40
CA ASP A 9 8.56 -6.99 -1.02
C ASP A 9 7.40 -7.97 -1.22
N PHE A 10 6.29 -7.45 -1.74
CA PHE A 10 5.11 -8.28 -1.99
C PHE A 10 4.77 -8.30 -3.47
N GLN A 11 4.43 -9.48 -3.98
CA GLN A 11 4.07 -9.63 -5.39
C GLN A 11 2.56 -9.67 -5.57
N ALA A 12 2.06 -8.89 -6.52
CA ALA A 12 0.63 -8.83 -6.80
C ALA A 12 0.16 -10.08 -7.54
N GLN A 13 -0.78 -10.81 -6.93
CA GLN A 13 -1.31 -12.02 -7.54
C GLN A 13 -2.45 -11.69 -8.50
N SER A 14 -3.28 -10.72 -8.11
CA SER A 14 -4.41 -10.31 -8.94
C SER A 14 -4.11 -9.01 -9.67
N PRO A 15 -4.86 -8.71 -10.74
CA PRO A 15 -4.66 -7.49 -11.53
C PRO A 15 -4.96 -6.23 -10.71
N LYS A 16 -5.82 -6.36 -9.73
CA LYS A 16 -6.19 -5.24 -8.87
C LYS A 16 -5.06 -4.89 -7.90
N GLU A 17 -4.26 -5.90 -7.56
CA GLU A 17 -3.14 -5.70 -6.64
C GLU A 17 -1.97 -5.02 -7.35
N LEU A 18 -1.05 -4.49 -6.57
CA LEU A 18 0.12 -3.82 -7.13
C LEU A 18 1.41 -4.31 -6.47
N THR A 19 2.38 -4.70 -7.30
CA THR A 19 3.66 -5.18 -6.79
C THR A 19 4.61 -4.03 -6.52
N LEU A 20 5.08 -3.94 -5.29
CA LEU A 20 6.01 -2.88 -4.89
C LEU A 20 6.99 -3.37 -3.84
N GLN A 21 8.25 -2.95 -3.98
CA GLN A 21 9.29 -3.35 -3.05
C GLN A 21 9.31 -2.44 -1.82
N LYS A 22 10.00 -2.88 -0.77
CA LYS A 22 10.09 -2.11 0.46
C LYS A 22 10.64 -0.71 0.19
N GLY A 23 10.20 0.26 0.98
CA GLY A 23 10.67 1.63 0.82
C GLY A 23 9.74 2.46 -0.05
N ASP A 24 8.82 1.80 -0.75
CA ASP A 24 7.87 2.49 -1.62
C ASP A 24 6.86 3.29 -0.80
N ILE A 25 6.41 4.41 -1.36
CA ILE A 25 5.43 5.26 -0.68
C ILE A 25 4.11 5.29 -1.44
N VAL A 26 3.01 5.14 -0.72
CA VAL A 26 1.69 5.15 -1.32
C VAL A 26 0.70 5.95 -0.48
N TYR A 27 -0.44 6.28 -1.08
CA TYR A 27 -1.48 7.04 -0.37
C TYR A 27 -2.71 6.18 -0.13
N ILE A 28 -3.05 6.00 1.14
CA ILE A 28 -4.21 5.20 1.51
C ILE A 28 -5.50 6.00 1.39
N HIS A 29 -6.55 5.35 0.89
CA HIS A 29 -7.84 6.00 0.72
C HIS A 29 -8.85 5.44 1.72
N LYS A 30 -9.20 4.17 1.56
CA LYS A 30 -10.14 3.52 2.46
C LYS A 30 -9.44 2.41 3.25
N GLU A 31 -9.84 2.25 4.51
CA GLU A 31 -9.24 1.24 5.37
C GLU A 31 -10.17 0.06 5.60
N VAL A 32 -9.85 -1.07 4.98
CA VAL A 32 -10.64 -2.28 5.14
C VAL A 32 -9.95 -3.22 6.11
N ASP A 33 -10.36 -3.13 7.36
CA ASP A 33 -9.78 -3.97 8.41
C ASP A 33 -10.03 -5.45 8.15
N LYS A 34 -10.95 -5.76 7.24
CA LYS A 34 -11.25 -7.15 6.93
C LYS A 34 -9.97 -7.93 6.61
N ASN A 35 -9.18 -7.39 5.68
CA ASN A 35 -7.91 -8.03 5.29
C ASN A 35 -7.35 -7.44 3.99
N TRP A 36 -7.67 -6.18 3.69
CA TRP A 36 -7.18 -5.55 2.47
C TRP A 36 -7.22 -4.04 2.56
N LEU A 37 -6.04 -3.41 2.52
CA LEU A 37 -5.94 -1.96 2.60
C LEU A 37 -5.87 -1.35 1.21
N GLU A 38 -6.33 -0.11 1.09
CA GLU A 38 -6.31 0.59 -0.19
C GLU A 38 -5.12 1.55 -0.27
N GLY A 39 -4.47 1.59 -1.42
CA GLY A 39 -3.35 2.47 -1.61
C GLY A 39 -3.20 2.95 -3.04
N GLU A 40 -2.78 4.20 -3.22
CA GLU A 40 -2.60 4.76 -4.55
C GLU A 40 -1.39 5.68 -4.59
N HIS A 41 -0.75 5.75 -5.76
CA HIS A 41 0.43 6.59 -5.94
C HIS A 41 0.42 7.26 -7.31
N HIS A 42 0.42 8.59 -7.31
CA HIS A 42 0.42 9.36 -8.55
C HIS A 42 -0.77 8.98 -9.43
N GLY A 43 -1.91 8.73 -8.80
CA GLY A 43 -3.10 8.35 -9.54
C GLY A 43 -3.20 6.86 -9.80
N ARG A 44 -2.12 6.15 -9.53
CA ARG A 44 -2.09 4.70 -9.73
C ARG A 44 -2.72 3.97 -8.55
N LEU A 45 -3.37 2.85 -8.83
CA LEU A 45 -4.02 2.05 -7.79
C LEU A 45 -3.13 0.89 -7.35
N GLY A 46 -3.01 0.71 -6.04
CA GLY A 46 -2.20 -0.37 -5.52
C GLY A 46 -2.66 -0.82 -4.15
N ILE A 47 -3.09 -2.07 -4.04
CA ILE A 47 -3.57 -2.61 -2.78
C ILE A 47 -2.67 -3.74 -2.28
N PHE A 48 -2.58 -3.85 -0.95
CA PHE A 48 -1.75 -4.88 -0.32
C PHE A 48 -2.21 -5.11 1.12
N PRO A 49 -1.87 -6.27 1.71
CA PRO A 49 -2.25 -6.60 3.08
C PRO A 49 -1.76 -5.56 4.08
N ALA A 50 -2.65 -5.14 4.98
CA ALA A 50 -2.31 -4.15 6.00
C ALA A 50 -1.31 -4.70 7.01
N ASN A 51 -1.12 -6.02 7.01
CA ASN A 51 -0.20 -6.67 7.94
C ASN A 51 1.22 -6.74 7.36
N TYR A 52 1.48 -5.99 6.30
CA TYR A 52 2.79 -5.98 5.67
C TYR A 52 3.27 -4.57 5.39
N VAL A 53 2.84 -3.63 6.23
CA VAL A 53 3.22 -2.23 6.06
C VAL A 53 3.13 -1.48 7.39
N GLU A 54 3.87 -0.38 7.49
CA GLU A 54 3.87 0.43 8.70
C GLU A 54 3.28 1.81 8.41
N VAL A 55 2.21 2.14 9.12
CA VAL A 55 1.55 3.43 8.95
C VAL A 55 2.42 4.57 9.48
N LEU A 56 2.75 5.51 8.61
CA LEU A 56 3.57 6.65 8.99
C LEU A 56 3.74 7.62 7.83
N PRO A 57 2.77 8.54 7.64
CA PRO A 57 2.83 9.53 6.56
C PRO A 57 4.10 10.37 6.60
N LEU A 58 4.70 10.58 5.43
CA LEU A 58 5.92 11.37 5.34
C LEU A 58 5.62 12.86 5.34
N GLU A 59 6.67 13.67 5.28
CA GLU A 59 6.51 15.13 5.28
C GLU A 59 7.56 15.78 4.40
#